data_1KVL
#
_entry.id   1KVL
#
_cell.length_a   118.619
_cell.length_b   77.153
_cell.length_c   98.066
_cell.angle_alpha   90.00
_cell.angle_beta   115.90
_cell.angle_gamma   90.00
#
_symmetry.space_group_name_H-M   'C 1 2 1'
#
loop_
_entity.id
_entity.type
_entity.pdbx_description
1 polymer Beta-lactamase
2 non-polymer 'PHOSPHATE ION'
3 non-polymer '2-[CARBOXY-(2-THIOPHEN-2-YL-ACETYLAMINO)-METHYL]-5-METHYL-3,6-DIHYDRO-2H-[1,3]THIAZINE-4-CARBOXYLIC ACID'
4 non-polymer CEPHALOTHIN
5 non-polymer '2-[CARBOXY-(2-THIOPHEN-2-YL-ACETYLAMINO)-METHYL]-5-METHYLENE-5,6-DIHYDRO-2H-[1,3]THIAZINE-4-CARBOXYLIC ACID'
6 water water
#
_entity_poly.entity_id   1
_entity_poly.type   'polypeptide(L)'
_entity_poly.pdbx_seq_one_letter_code
;APQQINDIVHRTITPLIEQQKIPGMAVAVIYQGKPYYFTWGYADIAKKQPVTQQTLFELGGVSKTFTGVLGGDAIARGEI
KLSDPTTKYWPELTAKQWNGITLLHLATYTAGGLPLQVPDEVKSSSDLLRFYQNWQPAWAPGTQRLYANSSIGLFGALAV
KPSGLSFEQAMQTRVFQPLKLNHTWINVPPAEEKNYAWGYREGKAVHVSPGALDAEAYGVKSTIEDMARWVQSNLKPLDI
NEKTLQQGIQLAQSRYWQTGDMYQGLGWEMLDWPVNPDSIINGSDNKIALAARPVKAITPPTPAVRASWVHKTGATGGFG
SYVAFIPEKELGIVMLANKNYPNPARVDAAWQILNALQ
;
_entity_poly.pdbx_strand_id   A,B
#
loop_
_chem_comp.id
_chem_comp.type
_chem_comp.name
_chem_comp.formula
CLS non-polymer CEPHALOTHIN 'C16 H16 N2 O6 S2'
KCP non-polymer '2-[CARBOXY-(2-THIOPHEN-2-YL-ACETYLAMINO)-METHYL]-5-METHYL-3,6-DIHYDRO-2H-[1,3]THIAZINE-4-CARBOXYLIC ACID' 'C14 H16 N2 O5 S2'
PO4 non-polymer 'PHOSPHATE ION' 'O4 P -3'
THN non-polymer '2-[CARBOXY-(2-THIOPHEN-2-YL-ACETYLAMINO)-METHYL]-5-METHYLENE-5,6-DIHYDRO-2H-[1,3]THIAZINE-4-CARBOXYLIC ACID' 'C14 H14 N2 O5 S2'
#
# COMPACT_ATOMS: atom_id res chain seq x y z
N ALA A 1 -36.19 -3.74 -3.30
CA ALA A 1 -35.80 -3.56 -4.75
C ALA A 1 -36.37 -2.28 -5.35
N PRO A 2 -35.71 -1.13 -5.09
CA PRO A 2 -36.17 0.17 -5.61
C PRO A 2 -36.65 0.03 -7.04
N GLN A 3 -37.80 0.64 -7.35
CA GLN A 3 -38.36 0.55 -8.70
C GLN A 3 -37.39 1.14 -9.72
N GLN A 4 -36.59 2.11 -9.26
CA GLN A 4 -35.60 2.74 -10.09
C GLN A 4 -34.59 1.69 -10.53
N ILE A 5 -34.02 0.98 -9.55
CA ILE A 5 -33.04 -0.05 -9.85
C ILE A 5 -33.68 -1.13 -10.70
N ASN A 6 -34.89 -1.55 -10.33
CA ASN A 6 -35.60 -2.55 -11.09
C ASN A 6 -35.73 -2.14 -12.56
N ASP A 7 -36.26 -0.94 -12.78
CA ASP A 7 -36.46 -0.45 -14.14
C ASP A 7 -35.19 -0.30 -14.93
N ILE A 8 -34.19 0.35 -14.34
CA ILE A 8 -32.91 0.53 -15.02
C ILE A 8 -32.32 -0.83 -15.39
N VAL A 9 -32.31 -1.77 -14.45
CA VAL A 9 -31.76 -3.09 -14.75
C VAL A 9 -32.61 -3.80 -15.82
N HIS A 10 -33.94 -3.82 -15.66
CA HIS A 10 -34.71 -4.52 -16.68
C HIS A 10 -34.68 -3.89 -18.05
N ARG A 11 -34.72 -2.56 -18.14
CA ARG A 11 -34.69 -1.91 -19.45
C ARG A 11 -33.35 -2.09 -20.18
N THR A 12 -32.29 -2.38 -19.43
CA THR A 12 -30.97 -2.57 -20.03
C THR A 12 -30.75 -4.03 -20.38
N ILE A 13 -31.02 -4.92 -19.41
CA ILE A 13 -30.76 -6.35 -19.62
C ILE A 13 -31.70 -7.11 -20.53
N THR A 14 -32.99 -6.81 -20.49
CA THR A 14 -33.93 -7.51 -21.35
C THR A 14 -33.48 -7.38 -22.80
N PRO A 15 -33.23 -6.15 -23.29
CA PRO A 15 -32.79 -6.01 -24.68
C PRO A 15 -31.45 -6.74 -24.95
N LEU A 16 -30.58 -6.79 -23.94
CA LEU A 16 -29.27 -7.44 -24.08
C LEU A 16 -29.45 -8.93 -24.36
N ILE A 17 -30.29 -9.55 -23.54
CA ILE A 17 -30.58 -10.97 -23.67
C ILE A 17 -31.16 -11.33 -25.01
N GLU A 18 -32.06 -10.48 -25.52
CA GLU A 18 -32.70 -10.71 -26.81
C GLU A 18 -31.71 -10.54 -27.94
N GLN A 19 -30.94 -9.47 -27.91
CA GLN A 19 -29.97 -9.23 -28.99
C GLN A 19 -28.87 -10.28 -29.05
N GLN A 20 -28.35 -10.69 -27.88
CA GLN A 20 -27.26 -11.65 -27.84
C GLN A 20 -27.72 -13.11 -27.76
N LYS A 21 -29.03 -13.31 -27.64
CA LYS A 21 -29.59 -14.67 -27.54
C LYS A 21 -28.96 -15.48 -26.40
N ILE A 22 -28.88 -14.83 -25.26
CA ILE A 22 -28.30 -15.44 -24.05
C ILE A 22 -29.35 -16.35 -23.42
N PRO A 23 -29.00 -17.64 -23.21
CA PRO A 23 -29.99 -18.55 -22.61
C PRO A 23 -30.36 -18.30 -21.15
N GLY A 24 -29.38 -17.86 -20.36
CA GLY A 24 -29.59 -17.64 -18.95
C GLY A 24 -28.68 -16.55 -18.43
N MET A 25 -29.20 -15.75 -17.51
CA MET A 25 -28.40 -14.67 -16.99
C MET A 25 -28.74 -14.33 -15.54
N ALA A 26 -27.71 -14.01 -14.77
CA ALA A 26 -27.97 -13.53 -13.42
C ALA A 26 -27.24 -12.19 -13.29
N VAL A 27 -27.92 -11.24 -12.67
CA VAL A 27 -27.30 -9.93 -12.41
C VAL A 27 -27.44 -9.53 -10.95
N ALA A 28 -26.45 -8.86 -10.39
CA ALA A 28 -26.54 -8.35 -9.03
C ALA A 28 -26.08 -6.91 -9.07
N VAL A 29 -26.83 -6.02 -8.42
CA VAL A 29 -26.42 -4.62 -8.31
C VAL A 29 -26.23 -4.44 -6.81
N ILE A 30 -25.09 -3.88 -6.43
CA ILE A 30 -24.75 -3.62 -5.02
C ILE A 30 -24.86 -2.11 -4.92
N TYR A 31 -25.78 -1.64 -4.07
CA TYR A 31 -26.01 -0.21 -3.92
C TYR A 31 -26.06 0.11 -2.44
N GLN A 32 -25.09 0.90 -1.98
CA GLN A 32 -25.01 1.31 -0.59
C GLN A 32 -24.95 0.12 0.37
N GLY A 33 -24.21 -0.91 -0.03
CA GLY A 33 -24.06 -2.08 0.82
C GLY A 33 -25.16 -3.12 0.79
N LYS A 34 -26.11 -2.97 -0.13
CA LYS A 34 -27.18 -3.94 -0.22
C LYS A 34 -27.23 -4.49 -1.64
N PRO A 35 -27.36 -5.82 -1.78
CA PRO A 35 -27.41 -6.46 -3.08
C PRO A 35 -28.84 -6.61 -3.57
N TYR A 36 -29.03 -6.47 -4.88
CA TYR A 36 -30.32 -6.63 -5.52
C TYR A 36 -30.08 -7.61 -6.68
N TYR A 37 -30.75 -8.75 -6.62
CA TYR A 37 -30.59 -9.82 -7.61
C TYR A 37 -31.66 -9.89 -8.67
N PHE A 38 -31.26 -10.36 -9.84
CA PHE A 38 -32.15 -10.50 -10.96
C PHE A 38 -31.74 -11.72 -11.74
N THR A 39 -32.71 -12.54 -12.15
CA THR A 39 -32.37 -13.71 -12.94
C THR A 39 -33.32 -13.88 -14.12
N TRP A 40 -32.80 -14.48 -15.19
CA TRP A 40 -33.59 -14.73 -16.39
C TRP A 40 -33.19 -16.04 -17.08
N GLY A 41 -34.16 -16.71 -17.70
CA GLY A 41 -33.80 -17.84 -18.51
C GLY A 41 -33.38 -19.10 -17.85
N TYR A 42 -32.58 -19.84 -18.61
CA TYR A 42 -32.18 -21.16 -18.23
C TYR A 42 -30.73 -21.45 -17.95
N ALA A 43 -30.53 -22.27 -16.93
CA ALA A 43 -29.23 -22.77 -16.52
C ALA A 43 -28.96 -24.03 -17.37
N ASP A 44 -30.01 -24.81 -17.66
CA ASP A 44 -29.92 -26.04 -18.47
C ASP A 44 -31.16 -26.02 -19.35
N ILE A 45 -30.96 -25.81 -20.64
CA ILE A 45 -32.08 -25.71 -21.56
C ILE A 45 -32.81 -27.05 -21.72
N ALA A 46 -32.05 -28.13 -21.93
CA ALA A 46 -32.67 -29.44 -22.13
C ALA A 46 -33.50 -29.92 -20.95
N LYS A 47 -33.04 -29.65 -19.72
CA LYS A 47 -33.75 -30.08 -18.52
C LYS A 47 -34.66 -29.00 -17.94
N LYS A 48 -34.80 -27.90 -18.68
CA LYS A 48 -35.67 -26.78 -18.32
C LYS A 48 -35.43 -26.26 -16.89
N GLN A 49 -34.16 -26.19 -16.48
CA GLN A 49 -33.79 -25.74 -15.14
C GLN A 49 -33.53 -24.23 -15.25
N PRO A 50 -34.23 -23.42 -14.45
CA PRO A 50 -34.08 -21.97 -14.49
C PRO A 50 -32.81 -21.45 -13.81
N VAL A 51 -32.40 -20.27 -14.20
CA VAL A 51 -31.32 -19.64 -13.46
C VAL A 51 -31.91 -19.13 -12.15
N THR A 52 -31.23 -19.41 -11.07
CA THR A 52 -31.61 -18.96 -9.73
C THR A 52 -30.41 -18.30 -9.06
N GLN A 53 -30.61 -17.80 -7.84
CA GLN A 53 -29.49 -17.20 -7.11
C GLN A 53 -28.47 -18.25 -6.68
N GLN A 54 -28.79 -19.54 -6.86
CA GLN A 54 -27.88 -20.62 -6.50
C GLN A 54 -27.18 -21.23 -7.71
N THR A 55 -27.48 -20.70 -8.89
CA THR A 55 -26.86 -21.21 -10.10
C THR A 55 -25.36 -20.87 -10.15
N LEU A 56 -24.56 -21.87 -10.46
CA LEU A 56 -23.11 -21.68 -10.62
C LEU A 56 -22.79 -21.38 -12.07
N PHE A 57 -21.98 -20.34 -12.26
CA PHE A 57 -21.53 -19.93 -13.59
C PHE A 57 -19.99 -19.97 -13.60
N GLU A 58 -19.42 -20.29 -14.75
CA GLU A 58 -17.97 -20.24 -14.94
C GLU A 58 -17.56 -18.76 -15.08
N LEU A 59 -16.67 -18.36 -14.19
CA LEU A 59 -16.20 -16.98 -14.22
C LEU A 59 -15.17 -16.65 -15.27
N GLY A 60 -14.50 -17.64 -15.87
CA GLY A 60 -13.43 -17.24 -16.80
C GLY A 60 -12.38 -16.38 -16.11
N GLY A 61 -11.89 -15.39 -16.88
CA GLY A 61 -10.88 -14.44 -16.40
C GLY A 61 -11.25 -13.63 -15.18
N VAL A 62 -12.53 -13.59 -14.81
CA VAL A 62 -12.86 -12.90 -13.54
C VAL A 62 -12.14 -13.64 -12.39
N SER A 63 -11.77 -14.90 -12.58
CA SER A 63 -11.03 -15.69 -11.64
C SER A 63 -9.70 -15.01 -11.24
N LYS A 64 -9.16 -14.22 -12.18
CA LYS A 64 -7.88 -13.55 -11.95
C LYS A 64 -7.97 -12.53 -10.84
N THR A 65 -9.18 -12.05 -10.56
CA THR A 65 -9.29 -11.14 -9.41
C THR A 65 -9.09 -11.89 -8.11
N PHE A 66 -9.55 -13.12 -8.04
CA PHE A 66 -9.31 -13.93 -6.83
C PHE A 66 -7.78 -14.25 -6.72
N THR A 67 -7.14 -14.58 -7.86
CA THR A 67 -5.71 -14.85 -7.82
C THR A 67 -4.93 -13.60 -7.36
N GLY A 68 -5.34 -12.43 -7.89
CA GLY A 68 -4.61 -11.21 -7.56
C GLY A 68 -4.76 -10.91 -6.07
N VAL A 69 -5.96 -11.08 -5.53
CA VAL A 69 -6.17 -10.83 -4.08
C VAL A 69 -5.46 -11.87 -3.24
N LEU A 70 -5.46 -13.14 -3.64
CA LEU A 70 -4.72 -14.14 -2.88
C LEU A 70 -3.21 -13.81 -2.87
N GLY A 71 -2.70 -13.30 -4.02
CA GLY A 71 -1.31 -12.89 -4.11
C GLY A 71 -1.08 -11.72 -3.16
N GLY A 72 -2.01 -10.78 -3.19
CA GLY A 72 -1.95 -9.58 -2.34
C GLY A 72 -1.90 -10.02 -0.88
N ASP A 73 -2.67 -11.05 -0.52
CA ASP A 73 -2.68 -11.55 0.87
C ASP A 73 -1.33 -12.15 1.24
N ALA A 74 -0.71 -12.90 0.33
CA ALA A 74 0.60 -13.47 0.60
C ALA A 74 1.67 -12.38 0.77
N ILE A 75 1.52 -11.31 0.01
CA ILE A 75 2.45 -10.19 0.13
C ILE A 75 2.27 -9.61 1.53
N ALA A 76 1.02 -9.32 1.89
CA ALA A 76 0.74 -8.73 3.19
C ALA A 76 1.26 -9.61 4.33
N ARG A 77 1.25 -10.94 4.15
CA ARG A 77 1.74 -11.86 5.18
C ARG A 77 3.26 -11.88 5.25
N GLY A 78 3.93 -11.26 4.28
CA GLY A 78 5.37 -11.27 4.26
C GLY A 78 5.88 -12.58 3.65
N GLU A 79 5.01 -13.32 2.98
CA GLU A 79 5.44 -14.58 2.37
C GLU A 79 6.17 -14.36 1.03
N ILE A 80 5.75 -13.37 0.28
CA ILE A 80 6.41 -13.06 -0.97
C ILE A 80 6.46 -11.55 -1.09
N LYS A 81 7.22 -11.09 -2.07
CA LYS A 81 7.31 -9.67 -2.39
C LYS A 81 7.16 -9.59 -3.90
N LEU A 82 6.50 -8.54 -4.40
CA LEU A 82 6.35 -8.44 -5.86
C LEU A 82 7.68 -8.07 -6.52
N SER A 83 8.62 -7.57 -5.74
CA SER A 83 9.92 -7.23 -6.28
C SER A 83 10.81 -8.47 -6.37
N ASP A 84 10.31 -9.62 -5.88
CA ASP A 84 11.11 -10.83 -5.91
C ASP A 84 11.29 -11.39 -7.34
N PRO A 85 12.47 -11.93 -7.63
CA PRO A 85 12.64 -12.50 -8.97
C PRO A 85 11.88 -13.82 -9.00
N THR A 86 11.38 -14.18 -10.18
CA THR A 86 10.63 -15.42 -10.38
C THR A 86 11.50 -16.63 -10.00
N THR A 87 12.78 -16.57 -10.33
CA THR A 87 13.67 -17.68 -10.01
C THR A 87 13.73 -17.98 -8.53
N LYS A 88 13.45 -17.01 -7.67
CA LYS A 88 13.45 -17.32 -6.24
C LYS A 88 12.47 -18.46 -5.93
N TYR A 89 11.36 -18.50 -6.67
CA TYR A 89 10.34 -19.52 -6.47
C TYR A 89 10.35 -20.72 -7.41
N TRP A 90 11.22 -20.67 -8.42
CA TRP A 90 11.39 -21.78 -9.37
C TRP A 90 12.83 -21.65 -9.84
N PRO A 91 13.76 -22.14 -9.03
CA PRO A 91 15.20 -22.08 -9.32
C PRO A 91 15.60 -22.79 -10.60
N GLU A 92 14.76 -23.73 -11.04
CA GLU A 92 14.97 -24.51 -12.24
C GLU A 92 14.77 -23.69 -13.52
N LEU A 93 14.22 -22.47 -13.40
CA LEU A 93 14.05 -21.59 -14.56
C LEU A 93 15.38 -20.94 -14.76
N THR A 94 16.34 -21.72 -15.25
CA THR A 94 17.70 -21.26 -15.45
C THR A 94 17.99 -20.55 -16.76
N ALA A 95 17.07 -20.61 -17.72
CA ALA A 95 17.27 -19.95 -19.00
C ALA A 95 17.47 -18.45 -18.75
N LYS A 96 18.40 -17.88 -19.50
CA LYS A 96 18.80 -16.48 -19.36
C LYS A 96 17.73 -15.41 -19.41
N GLN A 97 16.68 -15.64 -20.17
CA GLN A 97 15.59 -14.68 -20.30
C GLN A 97 14.88 -14.44 -18.97
N TRP A 98 14.99 -15.37 -18.02
CA TRP A 98 14.31 -15.19 -16.75
C TRP A 98 15.00 -14.26 -15.77
N ASN A 99 16.23 -13.85 -16.07
CA ASN A 99 16.87 -12.90 -15.16
C ASN A 99 16.18 -11.57 -15.42
N GLY A 100 15.69 -10.91 -14.37
CA GLY A 100 15.04 -9.63 -14.53
C GLY A 100 13.52 -9.70 -14.46
N ILE A 101 12.95 -10.90 -14.64
CA ILE A 101 11.48 -11.03 -14.57
C ILE A 101 11.04 -11.28 -13.13
N THR A 102 10.26 -10.35 -12.59
CA THR A 102 9.79 -10.44 -11.22
C THR A 102 8.33 -10.90 -11.08
N LEU A 103 7.95 -11.23 -9.85
CA LEU A 103 6.57 -11.60 -9.60
C LEU A 103 5.64 -10.45 -10.09
N LEU A 104 6.02 -9.17 -9.87
CA LEU A 104 5.17 -8.09 -10.38
C LEU A 104 4.91 -8.21 -11.91
N HIS A 105 5.96 -8.55 -12.66
CA HIS A 105 5.80 -8.70 -14.12
C HIS A 105 4.79 -9.81 -14.46
N LEU A 106 4.92 -10.94 -13.76
CA LEU A 106 4.01 -12.07 -14.01
C LEU A 106 2.59 -11.68 -13.71
N ALA A 107 2.40 -11.02 -12.57
CA ALA A 107 1.07 -10.65 -12.12
C ALA A 107 0.38 -9.61 -12.99
N THR A 108 1.16 -8.80 -13.69
CA THR A 108 0.56 -7.73 -14.44
C THR A 108 0.71 -7.83 -15.97
N TYR A 109 1.14 -9.01 -16.46
CA TYR A 109 1.26 -9.31 -17.91
C TYR A 109 2.37 -8.51 -18.60
N THR A 110 3.37 -8.13 -17.80
CA THR A 110 4.46 -7.35 -18.33
C THR A 110 5.82 -8.06 -18.41
N ALA A 111 5.86 -9.39 -18.31
CA ALA A 111 7.10 -10.14 -18.35
C ALA A 111 7.86 -10.12 -19.68
N GLY A 112 7.17 -9.71 -20.74
CA GLY A 112 7.81 -9.61 -22.04
C GLY A 112 7.14 -10.42 -23.13
N GLY A 113 5.84 -10.61 -23.04
CA GLY A 113 5.19 -11.38 -24.07
C GLY A 113 4.87 -12.84 -23.77
N LEU A 114 4.73 -13.23 -22.52
CA LEU A 114 4.26 -14.61 -22.24
C LEU A 114 2.93 -14.76 -23.01
N PRO A 115 2.67 -15.95 -23.56
CA PRO A 115 1.42 -16.11 -24.34
C PRO A 115 0.11 -16.21 -23.63
N LEU A 116 -0.95 -15.88 -24.36
CA LEU A 116 -2.26 -15.90 -23.78
C LEU A 116 -2.57 -17.25 -23.17
N GLN A 117 -2.24 -18.31 -23.88
CA GLN A 117 -2.55 -19.64 -23.37
C GLN A 117 -1.34 -20.51 -23.15
N VAL A 118 -1.46 -21.38 -22.15
CA VAL A 118 -0.43 -22.38 -21.95
C VAL A 118 -0.83 -23.44 -22.99
N PRO A 119 0.14 -23.95 -23.77
CA PRO A 119 -0.17 -24.96 -24.79
C PRO A 119 -0.91 -26.18 -24.22
N ASP A 120 -1.86 -26.73 -24.97
CA ASP A 120 -2.60 -27.89 -24.53
C ASP A 120 -1.68 -29.13 -24.31
N GLU A 121 -0.48 -29.13 -24.90
CA GLU A 121 0.42 -30.27 -24.71
C GLU A 121 1.05 -30.30 -23.31
N VAL A 122 0.91 -29.22 -22.56
CA VAL A 122 1.47 -29.17 -21.23
C VAL A 122 0.52 -29.90 -20.25
N LYS A 123 0.98 -31.04 -19.74
CA LYS A 123 0.18 -31.88 -18.86
C LYS A 123 0.85 -32.23 -17.53
N SER A 124 1.93 -31.55 -17.19
CA SER A 124 2.58 -31.84 -15.93
C SER A 124 3.45 -30.66 -15.60
N SER A 125 3.90 -30.59 -14.35
CA SER A 125 4.77 -29.48 -13.98
C SER A 125 6.12 -29.56 -14.73
N SER A 126 6.59 -30.75 -15.07
CA SER A 126 7.81 -30.85 -15.86
C SER A 126 7.58 -30.25 -17.27
N ASP A 127 6.41 -30.50 -17.84
CA ASP A 127 6.07 -29.95 -19.15
C ASP A 127 5.99 -28.43 -19.01
N LEU A 128 5.44 -27.98 -17.87
CA LEU A 128 5.32 -26.53 -17.68
C LEU A 128 6.68 -25.85 -17.59
N LEU A 129 7.63 -26.48 -16.91
CA LEU A 129 8.96 -25.93 -16.81
C LEU A 129 9.57 -25.84 -18.21
N ARG A 130 9.41 -26.90 -19.03
CA ARG A 130 9.95 -26.88 -20.39
C ARG A 130 9.38 -25.69 -21.18
N PHE A 131 8.05 -25.51 -21.09
CA PHE A 131 7.37 -24.43 -21.75
C PHE A 131 7.99 -23.07 -21.38
N TYR A 132 8.15 -22.82 -20.08
CA TYR A 132 8.73 -21.54 -19.67
C TYR A 132 10.20 -21.38 -20.00
N GLN A 133 10.95 -22.49 -19.95
CA GLN A 133 12.36 -22.44 -20.30
C GLN A 133 12.55 -22.15 -21.79
N ASN A 134 11.68 -22.72 -22.61
CA ASN A 134 11.79 -22.56 -24.06
C ASN A 134 11.19 -21.30 -24.62
N TRP A 135 10.37 -20.62 -23.83
CA TRP A 135 9.72 -19.41 -24.25
C TRP A 135 10.72 -18.30 -24.50
N GLN A 136 10.57 -17.62 -25.63
CA GLN A 136 11.47 -16.53 -25.96
C GLN A 136 10.70 -15.22 -25.91
N PRO A 137 11.05 -14.35 -24.95
CA PRO A 137 10.33 -13.08 -24.90
C PRO A 137 10.52 -12.25 -26.15
N ALA A 138 9.51 -11.46 -26.41
CA ALA A 138 9.51 -10.57 -27.55
C ALA A 138 10.10 -9.25 -27.07
N TRP A 139 9.90 -8.96 -25.79
CA TRP A 139 10.32 -7.68 -25.20
C TRP A 139 11.02 -7.78 -23.85
N ALA A 140 11.72 -6.69 -23.50
CA ALA A 140 12.35 -6.65 -22.19
C ALA A 140 11.23 -6.58 -21.16
N PRO A 141 11.52 -7.03 -19.94
CA PRO A 141 10.47 -6.98 -18.91
C PRO A 141 10.06 -5.52 -18.58
N GLY A 142 8.79 -5.35 -18.22
CA GLY A 142 8.30 -4.04 -17.84
C GLY A 142 8.18 -3.04 -18.93
N THR A 143 8.04 -3.49 -20.18
CA THR A 143 7.89 -2.54 -21.27
C THR A 143 6.58 -2.59 -22.03
N GLN A 144 6.00 -3.79 -22.18
CA GLN A 144 4.71 -3.89 -22.86
C GLN A 144 3.81 -4.85 -22.09
N ARG A 145 2.51 -4.63 -22.22
CA ARG A 145 1.50 -5.47 -21.60
C ARG A 145 0.84 -6.36 -22.67
N LEU A 146 0.74 -7.65 -22.36
CA LEU A 146 0.04 -8.59 -23.25
C LEU A 146 -0.76 -9.54 -22.32
N TYR A 147 -2.09 -9.37 -22.29
CA TYR A 147 -2.95 -10.20 -21.40
C TYR A 147 -2.63 -11.65 -21.62
N ALA A 148 -2.41 -12.39 -20.53
CA ALA A 148 -1.96 -13.78 -20.70
C ALA A 148 -2.24 -14.68 -19.48
N ASN A 149 -2.88 -15.83 -19.74
CA ASN A 149 -3.10 -16.79 -18.68
C ASN A 149 -1.79 -17.40 -18.19
N SER A 150 -0.80 -17.51 -19.09
CA SER A 150 0.46 -18.11 -18.71
C SER A 150 1.30 -17.20 -17.78
N SER A 151 0.93 -15.91 -17.73
CA SER A 151 1.64 -14.92 -16.91
C SER A 151 1.03 -14.90 -15.49
N ILE A 152 -0.24 -14.49 -15.38
CA ILE A 152 -0.82 -14.43 -14.06
C ILE A 152 -1.02 -15.84 -13.49
N GLY A 153 -1.14 -16.83 -14.38
CA GLY A 153 -1.26 -18.18 -13.87
C GLY A 153 0.00 -18.64 -13.13
N LEU A 154 1.18 -18.30 -13.67
CA LEU A 154 2.44 -18.68 -13.03
C LEU A 154 2.58 -17.84 -11.74
N PHE A 155 2.17 -16.57 -11.80
CA PHE A 155 2.23 -15.78 -10.58
C PHE A 155 1.47 -16.47 -9.45
N GLY A 156 0.25 -16.93 -9.74
CA GLY A 156 -0.58 -17.62 -8.74
C GLY A 156 0.07 -18.88 -8.17
N ALA A 157 0.64 -19.66 -9.07
CA ALA A 157 1.32 -20.88 -8.66
C ALA A 157 2.55 -20.60 -7.80
N LEU A 158 3.33 -19.57 -8.14
CA LEU A 158 4.52 -19.28 -7.34
C LEU A 158 4.19 -18.62 -6.02
N ALA A 159 3.19 -17.75 -6.06
CA ALA A 159 2.81 -17.01 -4.87
C ALA A 159 2.40 -17.77 -3.66
N VAL A 160 1.78 -18.94 -3.84
CA VAL A 160 1.41 -19.71 -2.68
C VAL A 160 2.55 -20.77 -2.26
N LYS A 161 3.69 -20.93 -2.99
N LYS A 161 3.84 -20.89 -2.86
CA LYS A 161 4.49 -22.06 -2.54
CA LYS A 161 4.70 -22.13 -2.54
C LYS A 161 4.95 -21.89 -1.02
C LYS A 161 5.15 -22.01 -1.11
N PRO A 162 5.38 -20.55 -0.65
CA PRO A 162 5.84 -20.33 0.79
C PRO A 162 4.90 -20.68 1.86
N SER A 163 3.62 -20.64 1.52
CA SER A 163 2.57 -20.99 2.45
C SER A 163 2.54 -22.49 2.74
N GLY A 164 3.08 -23.28 1.81
CA GLY A 164 3.06 -24.72 1.96
C GLY A 164 1.73 -25.31 1.52
N LEU A 165 0.78 -24.45 1.16
CA LEU A 165 -0.54 -24.89 0.72
C LEU A 165 -0.61 -24.98 -0.80
N SER A 166 -1.51 -25.81 -1.30
CA SER A 166 -1.72 -25.89 -2.74
C SER A 166 -2.53 -24.61 -3.07
N PHE A 167 -2.54 -24.23 -4.35
CA PHE A 167 -3.29 -23.05 -4.75
C PHE A 167 -4.74 -23.13 -4.31
N GLU A 168 -5.39 -24.26 -4.55
CA GLU A 168 -6.78 -24.41 -4.16
C GLU A 168 -6.99 -24.31 -2.65
N GLN A 169 -6.11 -24.95 -1.87
CA GLN A 169 -6.24 -24.89 -0.43
C GLN A 169 -5.99 -23.50 0.11
N ALA A 170 -5.04 -22.79 -0.52
CA ALA A 170 -4.75 -21.44 -0.09
C ALA A 170 -5.94 -20.56 -0.40
N MET A 171 -6.50 -20.69 -1.61
CA MET A 171 -7.64 -19.89 -2.02
C MET A 171 -8.84 -20.13 -1.09
N GLN A 172 -9.16 -21.39 -0.82
CA GLN A 172 -10.25 -21.72 0.09
C GLN A 172 -10.07 -21.20 1.51
N THR A 173 -8.88 -21.41 2.07
CA THR A 173 -8.67 -21.00 3.46
C THR A 173 -8.39 -19.53 3.66
N ARG A 174 -7.81 -18.86 2.67
CA ARG A 174 -7.43 -17.46 2.86
C ARG A 174 -8.33 -16.47 2.20
N VAL A 175 -9.17 -16.90 1.28
CA VAL A 175 -10.06 -15.96 0.62
C VAL A 175 -11.53 -16.36 0.65
N PHE A 176 -11.86 -17.57 0.16
CA PHE A 176 -13.28 -17.96 0.08
C PHE A 176 -13.94 -18.07 1.47
N GLN A 177 -13.29 -18.82 2.35
CA GLN A 177 -13.84 -19.04 3.69
C GLN A 177 -13.96 -17.75 4.51
N PRO A 178 -12.86 -16.94 4.61
CA PRO A 178 -13.01 -15.70 5.39
C PRO A 178 -14.11 -14.77 4.91
N LEU A 179 -14.33 -14.74 3.60
CA LEU A 179 -15.34 -13.86 3.01
C LEU A 179 -16.71 -14.50 2.87
N LYS A 180 -16.83 -15.72 3.38
CA LYS A 180 -18.06 -16.49 3.32
C LYS A 180 -18.60 -16.74 1.91
N LEU A 181 -17.68 -17.06 1.01
CA LEU A 181 -18.06 -17.39 -0.35
C LEU A 181 -18.16 -18.93 -0.27
N ASN A 182 -19.27 -19.40 0.24
CA ASN A 182 -19.43 -20.84 0.43
C ASN A 182 -19.91 -21.64 -0.75
N HIS A 183 -20.25 -20.95 -1.84
CA HIS A 183 -20.67 -21.63 -3.05
C HIS A 183 -19.85 -21.13 -4.22
N THR A 184 -18.54 -21.02 -3.94
CA THR A 184 -17.55 -20.60 -4.94
C THR A 184 -16.53 -21.73 -4.94
N TRP A 185 -16.24 -22.24 -6.14
CA TRP A 185 -15.40 -23.40 -6.29
C TRP A 185 -14.38 -23.34 -7.40
N ILE A 186 -13.25 -24.00 -7.19
CA ILE A 186 -12.26 -24.18 -8.23
C ILE A 186 -12.69 -25.53 -8.84
N ASN A 187 -13.10 -26.48 -7.98
CA ASN A 187 -13.61 -27.80 -8.47
C ASN A 187 -15.03 -27.98 -7.93
N VAL A 188 -16.02 -28.11 -8.82
CA VAL A 188 -17.43 -28.25 -8.37
C VAL A 188 -17.65 -29.63 -7.81
N PRO A 189 -18.03 -29.71 -6.54
CA PRO A 189 -18.27 -31.01 -5.88
C PRO A 189 -19.50 -31.67 -6.47
N PRO A 190 -19.56 -33.01 -6.42
CA PRO A 190 -20.72 -33.73 -6.95
C PRO A 190 -22.04 -33.25 -6.34
N ALA A 191 -22.02 -32.88 -5.05
CA ALA A 191 -23.25 -32.42 -4.39
C ALA A 191 -23.79 -31.13 -5.02
N GLU A 192 -22.89 -30.38 -5.66
CA GLU A 192 -23.30 -29.11 -6.23
C GLU A 192 -23.62 -29.12 -7.72
N GLU A 193 -23.36 -30.22 -8.40
CA GLU A 193 -23.60 -30.33 -9.84
C GLU A 193 -25.01 -29.95 -10.28
N LYS A 194 -25.99 -30.25 -9.44
CA LYS A 194 -27.38 -29.93 -9.76
C LYS A 194 -27.54 -28.43 -10.00
N ASN A 195 -26.62 -27.61 -9.48
CA ASN A 195 -26.75 -26.15 -9.65
C ASN A 195 -25.75 -25.58 -10.67
N TYR A 196 -24.95 -26.44 -11.29
CA TYR A 196 -23.94 -26.00 -12.26
C TYR A 196 -24.56 -25.80 -13.62
N ALA A 197 -24.69 -24.55 -14.04
CA ALA A 197 -25.27 -24.25 -15.33
C ALA A 197 -24.42 -24.82 -16.42
N TRP A 198 -25.07 -25.11 -17.54
CA TRP A 198 -24.34 -25.51 -18.72
C TRP A 198 -24.01 -24.19 -19.48
N GLY A 199 -22.86 -24.16 -20.13
CA GLY A 199 -22.53 -23.02 -20.96
C GLY A 199 -23.03 -23.40 -22.35
N TYR A 200 -23.24 -22.45 -23.24
CA TYR A 200 -23.71 -22.76 -24.59
C TYR A 200 -22.84 -22.11 -25.65
N ARG A 201 -22.30 -22.94 -26.52
CA ARG A 201 -21.45 -22.47 -27.59
C ARG A 201 -22.04 -23.04 -28.87
N GLU A 202 -22.50 -22.20 -29.77
CA GLU A 202 -23.09 -22.67 -31.01
C GLU A 202 -24.25 -23.63 -30.71
N GLY A 203 -24.99 -23.32 -29.65
CA GLY A 203 -26.14 -24.13 -29.26
C GLY A 203 -25.83 -25.42 -28.50
N LYS A 204 -24.57 -25.77 -28.38
CA LYS A 204 -24.21 -26.98 -27.66
C LYS A 204 -23.81 -26.69 -26.21
N ALA A 205 -24.21 -27.58 -25.32
CA ALA A 205 -23.92 -27.47 -23.90
C ALA A 205 -22.46 -27.83 -23.65
N VAL A 206 -21.71 -26.94 -23.02
CA VAL A 206 -20.31 -27.19 -22.75
C VAL A 206 -19.87 -26.67 -21.38
N HIS A 207 -18.85 -27.30 -20.84
CA HIS A 207 -18.22 -26.91 -19.58
C HIS A 207 -16.74 -26.69 -19.86
N VAL A 208 -16.11 -25.84 -19.09
CA VAL A 208 -14.69 -25.59 -19.35
C VAL A 208 -13.85 -26.89 -19.18
N SER A 209 -12.87 -27.09 -20.05
CA SER A 209 -12.01 -28.28 -19.99
C SER A 209 -10.82 -28.07 -19.05
N PRO A 210 -10.29 -29.15 -18.44
CA PRO A 210 -9.14 -29.08 -17.53
C PRO A 210 -7.91 -28.57 -18.34
N GLY A 211 -7.04 -27.79 -17.70
CA GLY A 211 -5.87 -27.30 -18.40
C GLY A 211 -4.82 -26.84 -17.38
N ALA A 212 -3.58 -26.72 -17.82
CA ALA A 212 -2.50 -26.29 -16.96
C ALA A 212 -2.77 -24.86 -16.48
N LEU A 213 -2.59 -24.64 -15.18
CA LEU A 213 -2.82 -23.35 -14.56
C LEU A 213 -4.25 -22.84 -14.74
N ASP A 214 -5.20 -23.74 -14.98
CA ASP A 214 -6.58 -23.29 -15.11
C ASP A 214 -7.16 -22.65 -13.83
N ALA A 215 -6.88 -23.22 -12.66
CA ALA A 215 -7.43 -22.67 -11.42
C ALA A 215 -6.98 -21.23 -11.19
N GLU A 216 -5.73 -21.00 -11.54
CA GLU A 216 -5.10 -19.71 -11.31
C GLU A 216 -5.54 -18.63 -12.28
N ALA A 217 -5.87 -19.02 -13.49
CA ALA A 217 -6.23 -18.08 -14.52
C ALA A 217 -7.65 -17.95 -14.98
N TYR A 218 -8.44 -19.03 -14.91
CA TYR A 218 -9.78 -18.94 -15.46
C TYR A 218 -10.74 -20.02 -14.93
N GLY A 219 -10.38 -20.66 -13.84
CA GLY A 219 -11.15 -21.78 -13.32
C GLY A 219 -12.12 -21.69 -12.15
N VAL A 220 -12.54 -20.51 -11.75
CA VAL A 220 -13.46 -20.42 -10.66
C VAL A 220 -14.92 -20.41 -11.13
N LYS A 221 -15.78 -21.09 -10.36
CA LYS A 221 -17.22 -21.11 -10.64
C LYS A 221 -17.86 -20.53 -9.38
N SER A 222 -18.89 -19.72 -9.59
CA SER A 222 -19.55 -19.07 -8.45
C SER A 222 -21.02 -18.73 -8.77
N THR A 223 -21.75 -18.36 -7.74
CA THR A 223 -23.16 -17.94 -7.87
C THR A 223 -23.23 -16.43 -7.85
N ILE A 224 -24.39 -15.90 -8.24
CA ILE A 224 -24.53 -14.46 -8.28
C ILE A 224 -24.47 -13.92 -6.82
N GLU A 225 -24.91 -14.69 -5.83
CA GLU A 225 -24.85 -14.23 -4.45
C GLU A 225 -23.41 -14.11 -3.97
N ASP A 226 -22.57 -15.14 -4.19
CA ASP A 226 -21.19 -15.07 -3.77
C ASP A 226 -20.45 -13.96 -4.53
N MET A 227 -20.75 -13.77 -5.81
CA MET A 227 -20.06 -12.73 -6.57
C MET A 227 -20.46 -11.36 -6.03
N ALA A 228 -21.69 -11.20 -5.59
CA ALA A 228 -22.10 -9.89 -5.05
C ALA A 228 -21.32 -9.63 -3.77
N ARG A 229 -21.15 -10.65 -2.95
CA ARG A 229 -20.37 -10.54 -1.70
C ARG A 229 -18.91 -10.25 -2.08
N TRP A 230 -18.38 -10.90 -3.13
CA TRP A 230 -17.01 -10.62 -3.59
C TRP A 230 -16.88 -9.14 -3.95
N VAL A 231 -17.86 -8.60 -4.69
CA VAL A 231 -17.79 -7.19 -5.10
C VAL A 231 -17.88 -6.29 -3.86
N GLN A 232 -18.78 -6.60 -2.92
CA GLN A 232 -18.87 -5.79 -1.70
C GLN A 232 -17.53 -5.77 -0.93
N SER A 233 -16.87 -6.92 -0.83
CA SER A 233 -15.59 -7.06 -0.13
C SER A 233 -14.49 -6.21 -0.78
N ASN A 234 -14.56 -6.07 -2.10
CA ASN A 234 -13.57 -5.29 -2.82
C ASN A 234 -13.90 -3.81 -2.80
N LEU A 235 -15.19 -3.48 -2.67
CA LEU A 235 -15.71 -2.12 -2.57
C LEU A 235 -15.31 -1.49 -1.24
N LYS A 236 -15.44 -2.26 -0.17
CA LYS A 236 -15.16 -1.83 1.20
C LYS A 236 -14.23 -2.80 1.94
N PRO A 237 -12.93 -2.82 1.60
CA PRO A 237 -12.05 -3.76 2.30
C PRO A 237 -11.79 -3.48 3.77
N LEU A 238 -12.10 -2.28 4.24
CA LEU A 238 -11.83 -2.00 5.63
C LEU A 238 -12.76 -2.77 6.56
N ASP A 239 -13.91 -3.22 6.05
CA ASP A 239 -14.86 -3.99 6.84
C ASP A 239 -14.43 -5.44 7.04
N ILE A 240 -13.36 -5.84 6.37
CA ILE A 240 -12.87 -7.21 6.49
C ILE A 240 -12.00 -7.33 7.73
N ASN A 241 -12.34 -8.31 8.58
CA ASN A 241 -11.62 -8.53 9.83
C ASN A 241 -10.21 -9.09 9.72
N GLU A 242 -9.99 -9.98 8.74
CA GLU A 242 -8.68 -10.58 8.53
C GLU A 242 -7.76 -9.52 7.94
N LYS A 243 -6.80 -9.10 8.75
CA LYS A 243 -5.86 -8.03 8.39
C LYS A 243 -5.11 -8.18 7.07
N THR A 244 -4.47 -9.33 6.87
CA THR A 244 -3.73 -9.52 5.64
C THR A 244 -4.63 -9.57 4.44
N LEU A 245 -5.85 -10.08 4.60
CA LEU A 245 -6.78 -10.13 3.46
C LEU A 245 -7.23 -8.71 3.12
N GLN A 246 -7.49 -7.91 4.15
CA GLN A 246 -7.91 -6.55 3.91
C GLN A 246 -6.83 -5.83 3.10
N GLN A 247 -5.59 -5.99 3.56
CA GLN A 247 -4.44 -5.39 2.89
C GLN A 247 -4.29 -5.96 1.46
N GLY A 248 -4.47 -7.28 1.31
CA GLY A 248 -4.31 -7.91 0.01
C GLY A 248 -5.29 -7.38 -1.03
N ILE A 249 -6.52 -7.15 -0.59
CA ILE A 249 -7.54 -6.61 -1.44
C ILE A 249 -7.09 -5.22 -1.86
N GLN A 250 -6.57 -4.44 -0.91
CA GLN A 250 -6.13 -3.11 -1.27
C GLN A 250 -4.96 -3.11 -2.25
N LEU A 251 -4.01 -4.03 -2.03
CA LEU A 251 -2.88 -4.19 -2.95
C LEU A 251 -3.32 -4.54 -4.39
N ALA A 252 -4.38 -5.34 -4.51
CA ALA A 252 -4.79 -5.73 -5.87
C ALA A 252 -5.39 -4.60 -6.68
N GLN A 253 -5.83 -3.56 -5.98
CA GLN A 253 -6.38 -2.39 -6.61
C GLN A 253 -5.33 -1.23 -6.72
N SER A 254 -4.07 -1.52 -6.38
CA SER A 254 -3.03 -0.49 -6.59
C SER A 254 -2.81 -0.37 -8.10
N ARG A 255 -2.31 0.80 -8.54
CA ARG A 255 -2.09 1.05 -9.96
C ARG A 255 -0.59 0.90 -10.20
N TYR A 256 -0.20 -0.18 -10.88
CA TYR A 256 1.17 -0.56 -11.15
C TYR A 256 1.69 -0.08 -12.47
N TRP A 257 0.82 -0.04 -13.48
CA TRP A 257 1.16 0.36 -14.82
C TRP A 257 0.02 1.10 -15.47
N GLN A 258 0.34 1.94 -16.46
CA GLN A 258 -0.67 2.66 -17.21
C GLN A 258 -0.50 2.41 -18.71
N THR A 259 -1.61 2.20 -19.40
CA THR A 259 -1.64 2.05 -20.87
C THR A 259 -2.92 2.78 -21.26
N GLY A 260 -2.79 3.90 -21.97
CA GLY A 260 -3.97 4.66 -22.35
C GLY A 260 -4.61 5.23 -21.07
N ASP A 261 -5.91 5.03 -20.90
CA ASP A 261 -6.56 5.54 -19.69
C ASP A 261 -6.75 4.41 -18.69
N MET A 262 -6.14 3.24 -18.95
CA MET A 262 -6.31 2.11 -18.06
C MET A 262 -5.11 1.87 -17.16
N TYR A 263 -5.38 1.36 -15.96
CA TYR A 263 -4.35 1.06 -15.02
C TYR A 263 -4.45 -0.39 -14.65
N GLN A 264 -3.31 -1.05 -14.56
CA GLN A 264 -3.29 -2.45 -14.21
C GLN A 264 -3.04 -2.69 -12.74
N GLY A 265 -3.94 -3.47 -12.12
CA GLY A 265 -3.77 -3.87 -10.71
C GLY A 265 -3.39 -5.35 -10.71
N LEU A 266 -3.63 -6.05 -9.61
CA LEU A 266 -3.36 -7.51 -9.57
C LEU A 266 -4.76 -8.12 -9.86
N GLY A 267 -4.98 -8.58 -11.12
CA GLY A 267 -6.26 -9.15 -11.51
C GLY A 267 -7.17 -8.02 -11.96
N TRP A 268 -7.50 -7.14 -11.02
CA TRP A 268 -8.33 -6.01 -11.38
C TRP A 268 -7.62 -5.01 -12.32
N GLU A 269 -8.46 -4.30 -13.08
CA GLU A 269 -8.06 -3.24 -14.01
C GLU A 269 -8.90 -2.03 -13.60
N MET A 270 -8.33 -0.83 -13.74
CA MET A 270 -9.04 0.35 -13.28
C MET A 270 -8.94 1.52 -14.22
N LEU A 271 -9.94 2.40 -14.13
CA LEU A 271 -9.91 3.68 -14.87
C LEU A 271 -10.41 4.73 -13.88
N ASP A 272 -10.02 6.00 -14.09
CA ASP A 272 -10.51 7.06 -13.21
C ASP A 272 -11.99 7.27 -13.49
N TRP A 273 -12.77 7.51 -12.44
CA TRP A 273 -14.20 7.77 -12.60
C TRP A 273 -14.34 9.27 -12.37
N PRO A 274 -15.21 9.95 -13.13
CA PRO A 274 -16.07 9.41 -14.19
C PRO A 274 -15.23 9.00 -15.36
N VAL A 275 -15.70 8.00 -16.09
CA VAL A 275 -14.93 7.53 -17.21
C VAL A 275 -15.73 7.63 -18.47
N ASN A 276 -15.04 7.98 -19.55
CA ASN A 276 -15.70 8.07 -20.83
C ASN A 276 -16.12 6.63 -21.09
N PRO A 277 -17.41 6.40 -21.34
CA PRO A 277 -17.87 5.03 -21.61
C PRO A 277 -17.22 4.42 -22.86
N ASP A 278 -16.85 5.29 -23.80
CA ASP A 278 -16.21 4.82 -25.03
C ASP A 278 -14.77 4.41 -24.78
N SER A 279 -14.23 4.77 -23.61
CA SER A 279 -12.86 4.40 -23.29
C SER A 279 -12.82 3.09 -22.51
N ILE A 280 -13.98 2.68 -21.99
CA ILE A 280 -14.07 1.43 -21.24
C ILE A 280 -14.85 0.41 -22.06
N ILE A 281 -15.95 0.87 -22.68
CA ILE A 281 -16.77 -0.01 -23.52
C ILE A 281 -15.96 -0.48 -24.72
N ASN A 282 -15.45 0.48 -25.50
CA ASN A 282 -14.63 0.16 -26.66
C ASN A 282 -13.31 -0.40 -26.14
N GLY A 283 -12.96 -0.03 -24.90
CA GLY A 283 -11.73 -0.49 -24.29
C GLY A 283 -11.69 -2.01 -24.15
N SER A 284 -12.72 -2.58 -23.56
CA SER A 284 -12.79 -4.03 -23.40
C SER A 284 -13.31 -4.62 -24.70
N ASP A 285 -12.50 -5.46 -25.35
CA ASP A 285 -12.91 -6.05 -26.62
C ASP A 285 -11.99 -7.18 -27.06
N ASN A 286 -12.47 -8.42 -26.91
CA ASN A 286 -11.73 -9.62 -27.29
C ASN A 286 -11.91 -9.94 -28.78
N LYS A 287 -12.51 -9.01 -29.52
CA LYS A 287 -12.68 -9.23 -30.96
C LYS A 287 -11.24 -9.28 -31.46
N ILE A 288 -10.33 -8.76 -30.64
CA ILE A 288 -8.90 -8.77 -30.96
C ILE A 288 -8.27 -9.88 -30.14
N ALA A 289 -7.63 -10.82 -30.83
CA ALA A 289 -6.98 -11.98 -30.21
C ALA A 289 -5.64 -11.67 -29.51
N LEU A 290 -4.97 -10.60 -29.93
CA LEU A 290 -3.68 -10.25 -29.33
C LEU A 290 -3.57 -8.73 -29.48
N ALA A 291 -3.47 -8.04 -28.34
CA ALA A 291 -3.33 -6.59 -28.33
C ALA A 291 -2.18 -6.22 -27.40
N ALA A 292 -1.02 -6.07 -28.01
CA ALA A 292 0.21 -5.69 -27.29
C ALA A 292 0.20 -4.17 -27.14
N ARG A 293 0.45 -3.68 -25.91
CA ARG A 293 0.49 -2.24 -25.65
C ARG A 293 1.64 -1.81 -24.75
N PRO A 294 2.30 -0.71 -25.11
CA PRO A 294 3.41 -0.21 -24.28
C PRO A 294 2.82 0.23 -22.92
N VAL A 295 3.55 -0.03 -21.84
CA VAL A 295 3.10 0.39 -20.50
C VAL A 295 4.08 1.39 -19.91
N LYS A 296 3.55 2.28 -19.08
CA LYS A 296 4.36 3.27 -18.38
C LYS A 296 4.33 2.81 -16.91
N ALA A 297 5.48 2.68 -16.27
CA ALA A 297 5.51 2.28 -14.85
C ALA A 297 5.02 3.41 -13.97
N ILE A 298 4.28 3.03 -12.94
CA ILE A 298 3.78 3.97 -11.94
C ILE A 298 4.72 3.69 -10.77
N THR A 299 5.66 4.61 -10.59
CA THR A 299 6.75 4.46 -9.61
C THR A 299 6.71 5.52 -8.50
N PRO A 300 6.27 5.16 -7.29
CA PRO A 300 5.81 3.82 -6.91
C PRO A 300 4.31 3.67 -7.21
N PRO A 301 3.76 2.43 -7.11
CA PRO A 301 2.34 2.29 -7.41
C PRO A 301 1.41 3.16 -6.60
N THR A 302 0.34 3.63 -7.22
CA THR A 302 -0.64 4.47 -6.56
C THR A 302 -1.55 3.59 -5.74
N PRO A 303 -1.74 3.90 -4.47
CA PRO A 303 -2.63 3.07 -3.65
C PRO A 303 -4.04 3.18 -4.22
N ALA A 304 -4.85 2.15 -3.99
CA ALA A 304 -6.22 2.11 -4.47
C ALA A 304 -6.95 3.46 -4.43
N VAL A 305 -7.38 3.90 -5.60
CA VAL A 305 -8.08 5.16 -5.74
C VAL A 305 -9.57 4.91 -5.64
N ARG A 306 -10.23 5.57 -4.69
CA ARG A 306 -11.66 5.40 -4.51
C ARG A 306 -12.45 5.86 -5.72
N ALA A 307 -12.02 6.95 -6.36
CA ALA A 307 -12.68 7.47 -7.56
C ALA A 307 -12.22 6.67 -8.78
N SER A 308 -12.59 5.40 -8.81
CA SER A 308 -12.20 4.52 -9.91
C SER A 308 -13.34 3.66 -10.39
N TRP A 309 -13.26 3.28 -11.67
CA TRP A 309 -14.16 2.32 -12.27
C TRP A 309 -13.19 1.10 -12.20
N VAL A 310 -13.49 0.12 -11.36
CA VAL A 310 -12.60 -1.06 -11.19
C VAL A 310 -13.39 -2.19 -11.85
N HIS A 311 -12.77 -2.98 -12.72
CA HIS A 311 -13.56 -4.00 -13.39
C HIS A 311 -12.71 -5.16 -13.93
N LYS A 312 -13.42 -6.21 -14.35
CA LYS A 312 -12.78 -7.34 -14.98
C LYS A 312 -13.80 -8.12 -15.79
N THR A 313 -13.43 -8.44 -17.03
CA THR A 313 -14.29 -9.26 -17.91
C THR A 313 -13.78 -10.71 -17.87
N GLY A 314 -14.65 -11.66 -18.21
CA GLY A 314 -14.18 -13.03 -18.20
C GLY A 314 -14.97 -13.87 -19.19
N ALA A 315 -14.35 -14.90 -19.77
CA ALA A 315 -15.09 -15.76 -20.67
C ALA A 315 -14.50 -17.15 -20.66
N THR A 316 -15.37 -18.11 -20.99
CA THR A 316 -14.90 -19.50 -21.22
C THR A 316 -15.65 -19.80 -22.52
N GLY A 317 -15.53 -21.04 -23.00
CA GLY A 317 -16.20 -21.34 -24.24
C GLY A 317 -17.70 -21.11 -24.22
N GLY A 318 -18.34 -21.43 -23.10
CA GLY A 318 -19.76 -21.23 -23.04
C GLY A 318 -20.27 -20.20 -22.04
N PHE A 319 -19.38 -19.36 -21.47
CA PHE A 319 -19.86 -18.37 -20.47
C PHE A 319 -19.22 -17.02 -20.68
N GLY A 320 -19.92 -15.97 -20.23
CA GLY A 320 -19.42 -14.60 -20.33
C GLY A 320 -19.74 -13.90 -19.04
N SER A 321 -18.73 -13.36 -18.36
CA SER A 321 -18.92 -12.68 -17.07
C SER A 321 -18.31 -11.26 -17.05
N TYR A 322 -18.84 -10.44 -16.15
CA TYR A 322 -18.31 -9.09 -16.02
C TYR A 322 -18.61 -8.58 -14.62
N VAL A 323 -17.64 -7.91 -14.03
CA VAL A 323 -17.79 -7.32 -12.69
C VAL A 323 -17.22 -5.91 -12.76
N ALA A 324 -17.91 -4.95 -12.15
CA ALA A 324 -17.38 -3.56 -12.13
C ALA A 324 -17.90 -2.88 -10.89
N PHE A 325 -17.11 -2.00 -10.27
CA PHE A 325 -17.59 -1.28 -9.11
C PHE A 325 -16.86 0.07 -9.04
N ILE A 326 -17.51 0.99 -8.33
CA ILE A 326 -16.99 2.34 -8.16
C ILE A 326 -16.95 2.55 -6.65
N PRO A 327 -15.77 2.42 -6.01
CA PRO A 327 -15.67 2.59 -4.56
C PRO A 327 -16.26 3.88 -3.99
N GLU A 328 -15.97 5.00 -4.66
CA GLU A 328 -16.45 6.31 -4.20
C GLU A 328 -17.98 6.43 -4.15
N LYS A 329 -18.68 5.61 -4.94
CA LYS A 329 -20.13 5.65 -5.00
C LYS A 329 -20.79 4.46 -4.29
N GLU A 330 -19.99 3.57 -3.71
CA GLU A 330 -20.49 2.36 -3.04
C GLU A 330 -21.41 1.65 -4.01
N LEU A 331 -20.99 1.59 -5.28
CA LEU A 331 -21.81 0.99 -6.32
C LEU A 331 -21.08 -0.15 -7.05
N GLY A 332 -21.77 -1.26 -7.34
CA GLY A 332 -21.11 -2.31 -8.10
C GLY A 332 -22.10 -3.18 -8.83
N ILE A 333 -21.62 -3.98 -9.79
CA ILE A 333 -22.50 -4.83 -10.55
C ILE A 333 -21.76 -6.07 -10.97
N VAL A 334 -22.52 -7.15 -11.05
CA VAL A 334 -22.02 -8.44 -11.51
C VAL A 334 -23.00 -8.92 -12.57
N MET A 335 -22.49 -9.38 -13.69
CA MET A 335 -23.33 -9.92 -14.76
C MET A 335 -22.75 -11.30 -15.16
N LEU A 336 -23.52 -12.36 -14.92
CA LEU A 336 -23.09 -13.73 -15.28
C LEU A 336 -24.02 -14.31 -16.33
N ALA A 337 -23.45 -14.84 -17.43
CA ALA A 337 -24.28 -15.40 -18.51
C ALA A 337 -23.68 -16.71 -18.98
N ASN A 338 -24.56 -17.61 -19.42
CA ASN A 338 -24.07 -18.86 -19.93
C ASN A 338 -24.01 -18.89 -21.45
N LYS A 339 -23.49 -17.80 -21.99
CA LYS A 339 -23.15 -17.70 -23.40
C LYS A 339 -22.02 -16.64 -23.41
N ASN A 340 -20.97 -16.86 -24.19
CA ASN A 340 -19.86 -15.90 -24.28
C ASN A 340 -20.26 -14.89 -25.35
N TYR A 341 -20.67 -13.70 -24.95
CA TYR A 341 -21.12 -12.70 -25.93
C TYR A 341 -20.11 -11.55 -25.94
N PRO A 342 -20.18 -10.65 -26.93
CA PRO A 342 -19.20 -9.55 -26.98
C PRO A 342 -18.98 -8.70 -25.74
N ASN A 343 -17.70 -8.54 -25.38
CA ASN A 343 -17.32 -7.72 -24.22
C ASN A 343 -17.90 -6.31 -24.24
N PRO A 344 -17.89 -5.64 -25.42
CA PRO A 344 -18.44 -4.28 -25.42
C PRO A 344 -19.88 -4.18 -24.96
N ALA A 345 -20.68 -5.19 -25.31
CA ALA A 345 -22.07 -5.20 -24.90
C ALA A 345 -22.16 -5.33 -23.37
N ARG A 346 -21.24 -6.07 -22.77
CA ARG A 346 -21.26 -6.23 -21.32
C ARG A 346 -20.95 -4.90 -20.67
N VAL A 347 -19.89 -4.25 -21.12
CA VAL A 347 -19.48 -2.98 -20.55
C VAL A 347 -20.53 -1.87 -20.76
N ASP A 348 -21.10 -1.83 -21.95
CA ASP A 348 -22.13 -0.82 -22.25
C ASP A 348 -23.30 -0.99 -21.28
N ALA A 349 -23.76 -2.22 -21.10
CA ALA A 349 -24.87 -2.46 -20.19
C ALA A 349 -24.54 -2.10 -18.73
N ALA A 350 -23.36 -2.48 -18.26
CA ALA A 350 -22.97 -2.16 -16.90
C ALA A 350 -22.85 -0.65 -16.73
N TRP A 351 -22.32 0.04 -17.75
CA TRP A 351 -22.17 1.48 -17.62
C TRP A 351 -23.53 2.14 -17.59
N GLN A 352 -24.42 1.73 -18.48
CA GLN A 352 -25.76 2.32 -18.49
C GLN A 352 -26.39 2.16 -17.12
N ILE A 353 -26.26 0.98 -16.52
CA ILE A 353 -26.85 0.74 -15.22
C ILE A 353 -26.21 1.54 -14.08
N LEU A 354 -24.89 1.45 -13.90
CA LEU A 354 -24.26 2.16 -12.80
C LEU A 354 -24.33 3.70 -12.95
N ASN A 355 -24.19 4.19 -14.18
CA ASN A 355 -24.27 5.61 -14.42
C ASN A 355 -25.62 6.13 -13.94
N ALA A 356 -26.68 5.36 -14.22
CA ALA A 356 -28.03 5.76 -13.83
C ALA A 356 -28.24 5.80 -12.32
N LEU A 357 -27.41 5.09 -11.58
CA LEU A 357 -27.57 5.04 -10.13
C LEU A 357 -26.65 6.01 -9.42
N GLN A 358 -25.88 6.77 -10.20
CA GLN A 358 -24.91 7.79 -9.74
C GLN A 358 -23.61 7.68 -10.53
N ALA B 1 5.05 0.05 36.77
CA ALA B 1 5.45 -0.87 35.67
C ALA B 1 6.04 -2.15 36.24
N PRO B 2 5.80 -3.29 35.57
CA PRO B 2 6.39 -4.51 36.13
C PRO B 2 7.88 -4.33 36.42
N GLN B 3 8.41 -5.17 37.31
CA GLN B 3 9.81 -5.11 37.73
C GLN B 3 10.80 -5.25 36.58
N GLN B 4 10.50 -6.11 35.61
CA GLN B 4 11.40 -6.30 34.48
C GLN B 4 11.66 -4.97 33.72
N ILE B 5 10.60 -4.20 33.52
CA ILE B 5 10.74 -2.93 32.81
C ILE B 5 11.43 -1.88 33.69
N ASN B 6 10.98 -1.72 34.93
CA ASN B 6 11.62 -0.77 35.84
C ASN B 6 13.11 -1.07 35.98
N ASP B 7 13.45 -2.35 36.07
CA ASP B 7 14.84 -2.73 36.27
C ASP B 7 15.73 -2.32 35.12
N ILE B 8 15.37 -2.74 33.90
CA ILE B 8 16.21 -2.45 32.76
C ILE B 8 16.26 -0.93 32.44
N VAL B 9 15.15 -0.23 32.60
CA VAL B 9 15.17 1.22 32.34
C VAL B 9 16.06 1.93 33.36
N HIS B 10 15.93 1.55 34.63
CA HIS B 10 16.75 2.19 35.65
C HIS B 10 18.24 1.91 35.46
N ARG B 11 18.57 0.66 35.12
CA ARG B 11 19.96 0.27 34.90
C ARG B 11 20.57 0.86 33.63
N THR B 12 19.72 1.23 32.67
CA THR B 12 20.20 1.76 31.41
C THR B 12 20.15 3.28 31.28
N ILE B 13 18.97 3.85 31.48
CA ILE B 13 18.80 5.30 31.32
C ILE B 13 19.40 6.11 32.46
N THR B 14 19.22 5.65 33.70
CA THR B 14 19.74 6.46 34.80
C THR B 14 21.23 6.72 34.65
N PRO B 15 22.04 5.69 34.33
CA PRO B 15 23.49 5.87 34.16
C PRO B 15 23.78 6.70 32.90
N LEU B 16 22.97 6.52 31.87
CA LEU B 16 23.15 7.29 30.64
C LEU B 16 23.05 8.79 30.95
N ILE B 17 22.08 9.15 31.76
CA ILE B 17 21.88 10.55 32.13
C ILE B 17 23.09 11.14 32.85
N GLU B 18 23.65 10.35 33.75
CA GLU B 18 24.82 10.83 34.50
C GLU B 18 26.06 10.97 33.61
N GLN B 19 26.25 10.02 32.71
CA GLN B 19 27.41 10.03 31.82
C GLN B 19 27.32 11.16 30.78
N GLN B 20 26.13 11.41 30.29
CA GLN B 20 25.93 12.45 29.28
C GLN B 20 25.63 13.82 29.86
N LYS B 21 25.44 13.89 31.17
CA LYS B 21 25.12 15.14 31.86
C LYS B 21 23.83 15.76 31.34
N ILE B 22 22.81 14.92 31.19
CA ILE B 22 21.52 15.39 30.68
C ILE B 22 20.71 16.04 31.80
N PRO B 23 20.27 17.29 31.62
CA PRO B 23 19.50 17.94 32.68
C PRO B 23 18.14 17.34 33.03
N GLY B 24 17.37 16.92 32.01
CA GLY B 24 16.05 16.38 32.22
C GLY B 24 15.75 15.39 31.12
N MET B 25 14.99 14.36 31.47
CA MET B 25 14.69 13.32 30.47
C MET B 25 13.38 12.65 30.81
N ALA B 26 12.63 12.28 29.78
CA ALA B 26 11.40 11.54 29.99
C ALA B 26 11.51 10.35 29.04
N VAL B 27 11.09 9.18 29.50
CA VAL B 27 11.11 7.98 28.66
C VAL B 27 9.76 7.29 28.74
N ALA B 28 9.34 6.68 27.65
CA ALA B 28 8.10 5.90 27.69
C ALA B 28 8.47 4.57 27.09
N VAL B 29 7.99 3.48 27.71
CA VAL B 29 8.23 2.18 27.14
C VAL B 29 6.83 1.67 26.86
N ILE B 30 6.60 1.14 25.66
CA ILE B 30 5.30 0.55 25.35
C ILE B 30 5.55 -0.95 25.40
N TYR B 31 4.87 -1.64 26.32
CA TYR B 31 5.05 -3.06 26.50
C TYR B 31 3.72 -3.74 26.32
N GLN B 32 3.67 -4.69 25.41
CA GLN B 32 2.43 -5.39 25.11
C GLN B 32 1.35 -4.35 24.91
N GLY B 33 1.71 -3.28 24.20
CA GLY B 33 0.77 -2.23 23.90
C GLY B 33 0.39 -1.20 24.95
N LYS B 34 0.88 -1.35 26.19
CA LYS B 34 0.55 -0.39 27.24
C LYS B 34 1.76 0.50 27.55
N PRO B 35 1.51 1.77 27.90
CA PRO B 35 2.62 2.68 28.19
C PRO B 35 3.06 2.74 29.67
N TYR B 36 4.36 2.92 29.86
CA TYR B 36 4.99 3.04 31.18
C TYR B 36 5.90 4.26 31.09
N TYR B 37 5.77 5.19 32.04
CA TYR B 37 6.53 6.43 32.01
C TYR B 37 7.62 6.55 33.04
N PHE B 38 8.67 7.28 32.66
CA PHE B 38 9.82 7.46 33.54
C PHE B 38 10.35 8.87 33.37
N THR B 39 10.62 9.54 34.49
CA THR B 39 11.14 10.90 34.45
C THR B 39 12.36 11.13 35.35
N TRP B 40 13.20 12.06 34.93
CA TRP B 40 14.41 12.42 35.66
C TRP B 40 14.75 13.89 35.48
N GLY B 41 15.18 14.53 36.58
CA GLY B 41 15.65 15.89 36.46
C GLY B 41 14.74 17.05 36.15
N TYR B 42 15.33 18.04 35.51
CA TYR B 42 14.64 19.29 35.22
C TYR B 42 14.38 19.71 33.78
N ALA B 43 13.19 20.29 33.58
CA ALA B 43 12.78 20.85 32.30
C ALA B 43 13.41 22.25 32.21
N ASP B 44 13.61 22.91 33.37
CA ASP B 44 14.16 24.27 33.46
C ASP B 44 15.06 24.26 34.71
N ILE B 45 16.38 24.32 34.51
CA ILE B 45 17.35 24.27 35.60
C ILE B 45 17.27 25.45 36.57
N ALA B 46 17.27 26.66 36.04
CA ALA B 46 17.19 27.86 36.87
C ALA B 46 15.91 27.93 37.74
N LYS B 47 14.79 27.45 37.21
CA LYS B 47 13.53 27.47 37.96
C LYS B 47 13.30 26.17 38.73
N LYS B 48 14.23 25.22 38.54
CA LYS B 48 14.13 23.90 39.15
C LYS B 48 12.74 23.29 38.89
N GLN B 49 12.26 23.48 37.67
CA GLN B 49 10.99 22.94 37.25
C GLN B 49 11.27 21.50 36.83
N PRO B 50 10.57 20.53 37.43
CA PRO B 50 10.80 19.13 37.08
C PRO B 50 10.18 18.68 35.75
N VAL B 51 10.81 17.69 35.14
CA VAL B 51 10.25 17.10 33.93
C VAL B 51 9.04 16.34 34.43
N THR B 52 7.93 16.44 33.71
CA THR B 52 6.73 15.71 34.06
C THR B 52 6.15 15.12 32.78
N GLN B 53 5.02 14.42 32.89
CA GLN B 53 4.41 13.85 31.70
C GLN B 53 3.81 14.94 30.82
N GLN B 54 3.86 16.18 31.28
CA GLN B 54 3.29 17.32 30.52
C GLN B 54 4.35 18.22 29.92
N THR B 55 5.61 17.91 30.18
CA THR B 55 6.72 18.72 29.67
C THR B 55 6.87 18.53 28.18
N LEU B 56 6.97 19.65 27.46
CA LEU B 56 7.13 19.60 26.01
C LEU B 56 8.60 19.60 25.65
N PHE B 57 9.00 18.69 24.77
CA PHE B 57 10.36 18.63 24.31
C PHE B 57 10.37 18.86 22.80
N GLU B 58 11.48 19.40 22.29
CA GLU B 58 11.67 19.58 20.86
C GLU B 58 12.08 18.23 20.29
N LEU B 59 11.29 17.76 19.33
CA LEU B 59 11.60 16.46 18.72
C LEU B 59 12.69 16.48 17.67
N GLY B 60 13.05 17.66 17.14
CA GLY B 60 14.05 17.65 16.08
C GLY B 60 13.62 16.78 14.88
N GLY B 61 14.55 16.01 14.32
CA GLY B 61 14.22 15.19 13.14
C GLY B 61 13.17 14.12 13.33
N VAL B 62 12.77 13.84 14.57
CA VAL B 62 11.70 12.87 14.76
C VAL B 62 10.40 13.45 14.16
N SER B 63 10.38 14.77 13.96
CA SER B 63 9.25 15.44 13.34
C SER B 63 9.02 14.90 11.93
N LYS B 64 10.09 14.38 11.31
CA LYS B 64 9.98 13.83 9.95
C LYS B 64 9.03 12.62 9.91
N THR B 65 8.81 11.96 11.04
CA THR B 65 7.88 10.83 11.04
C THR B 65 6.47 11.40 10.91
N PHE B 66 6.24 12.56 11.51
CA PHE B 66 4.92 13.16 11.37
C PHE B 66 4.67 13.66 9.95
N THR B 67 5.70 14.24 9.35
CA THR B 67 5.61 14.73 7.96
C THR B 67 5.37 13.52 7.04
N GLY B 68 6.10 12.42 7.27
CA GLY B 68 5.89 11.25 6.43
C GLY B 68 4.49 10.69 6.50
N VAL B 69 3.93 10.64 7.69
CA VAL B 69 2.56 10.13 7.87
C VAL B 69 1.52 11.10 7.28
N LEU B 70 1.74 12.40 7.43
CA LEU B 70 0.82 13.37 6.86
C LEU B 70 0.86 13.19 5.31
N GLY B 71 2.06 12.99 4.73
CA GLY B 71 2.14 12.73 3.31
C GLY B 71 1.44 11.42 2.96
N GLY B 72 1.61 10.41 3.79
CA GLY B 72 0.96 9.13 3.53
C GLY B 72 -0.55 9.31 3.52
N ASP B 73 -1.04 10.11 4.47
CA ASP B 73 -2.46 10.38 4.58
C ASP B 73 -2.96 11.11 3.34
N ALA B 74 -2.17 12.06 2.80
CA ALA B 74 -2.60 12.80 1.59
C ALA B 74 -2.63 11.85 0.39
N ILE B 75 -1.71 10.90 0.35
CA ILE B 75 -1.69 9.92 -0.74
C ILE B 75 -2.97 9.06 -0.61
N ALA B 76 -3.25 8.60 0.60
CA ALA B 76 -4.42 7.76 0.81
C ALA B 76 -5.71 8.47 0.39
N ARG B 77 -5.76 9.78 0.61
CA ARG B 77 -6.92 10.60 0.24
C ARG B 77 -7.00 10.89 -1.27
N GLY B 78 -6.00 10.50 -2.05
CA GLY B 78 -6.01 10.78 -3.49
C GLY B 78 -5.57 12.19 -3.86
N GLU B 79 -5.05 12.93 -2.89
CA GLU B 79 -4.62 14.29 -3.15
C GLU B 79 -3.28 14.41 -3.88
N ILE B 80 -2.36 13.51 -3.57
CA ILE B 80 -1.06 13.50 -4.24
C ILE B 80 -0.67 12.07 -4.52
N LYS B 81 0.34 11.92 -5.38
CA LYS B 81 0.89 10.59 -5.69
C LYS B 81 2.40 10.75 -5.57
N LEU B 82 3.08 9.75 -5.03
CA LEU B 82 4.54 9.83 -4.92
C LEU B 82 5.22 9.79 -6.29
N SER B 83 4.50 9.29 -7.28
CA SER B 83 5.02 9.19 -8.63
C SER B 83 4.93 10.48 -9.41
N ASP B 84 4.24 11.46 -8.85
CA ASP B 84 4.07 12.73 -9.50
C ASP B 84 5.34 13.57 -9.42
N PRO B 85 5.57 14.38 -10.48
CA PRO B 85 6.73 15.25 -10.56
C PRO B 85 6.60 16.37 -9.54
N THR B 86 7.72 16.76 -8.98
CA THR B 86 7.74 17.83 -7.99
C THR B 86 7.03 19.06 -8.55
N THR B 87 7.25 19.31 -9.84
CA THR B 87 6.69 20.48 -10.52
C THR B 87 5.17 20.54 -10.61
N LYS B 88 4.51 19.39 -10.62
CA LYS B 88 3.05 19.38 -10.69
C LYS B 88 2.45 20.17 -9.51
N TYR B 89 3.10 20.09 -8.35
CA TYR B 89 2.62 20.76 -7.15
C TYR B 89 3.29 22.10 -6.87
N TRP B 90 4.32 22.45 -7.64
CA TRP B 90 4.99 23.76 -7.49
C TRP B 90 5.31 24.24 -8.92
N PRO B 91 4.30 24.70 -9.65
CA PRO B 91 4.32 25.20 -11.02
C PRO B 91 5.51 26.10 -11.29
N GLU B 92 5.87 26.94 -10.32
CA GLU B 92 6.99 27.88 -10.45
C GLU B 92 8.39 27.24 -10.50
N LEU B 93 8.48 25.97 -10.11
CA LEU B 93 9.75 25.25 -10.08
C LEU B 93 9.92 24.59 -11.47
N THR B 94 10.39 25.39 -12.42
CA THR B 94 10.54 25.00 -13.81
C THR B 94 11.92 24.60 -14.33
N ALA B 95 12.96 24.82 -13.56
CA ALA B 95 14.32 24.52 -14.04
C ALA B 95 14.47 23.05 -14.48
N LYS B 96 15.27 22.84 -15.51
CA LYS B 96 15.45 21.51 -16.09
C LYS B 96 15.96 20.39 -15.20
N GLN B 97 16.76 20.70 -14.18
CA GLN B 97 17.30 19.64 -13.31
C GLN B 97 16.21 18.97 -12.50
N TRP B 98 15.04 19.59 -12.43
CA TRP B 98 13.94 19.00 -11.70
C TRP B 98 13.11 18.00 -12.52
N ASN B 99 13.34 17.94 -13.82
CA ASN B 99 12.59 16.97 -14.62
C ASN B 99 13.09 15.61 -14.14
N GLY B 100 12.16 14.76 -13.72
CA GLY B 100 12.57 13.45 -13.26
C GLY B 100 12.59 13.32 -11.74
N ILE B 101 12.52 14.43 -11.02
CA ILE B 101 12.52 14.35 -9.56
C ILE B 101 11.06 14.35 -9.10
N THR B 102 10.67 13.26 -8.47
CA THR B 102 9.31 13.09 -8.01
C THR B 102 9.15 13.30 -6.52
N LEU B 103 7.90 13.32 -6.09
CA LEU B 103 7.67 13.49 -4.67
C LEU B 103 8.31 12.35 -3.89
N LEU B 104 8.36 11.13 -4.47
CA LEU B 104 9.01 10.02 -3.75
C LEU B 104 10.49 10.37 -3.46
N HIS B 105 11.17 10.98 -4.43
CA HIS B 105 12.61 11.32 -4.25
C HIS B 105 12.76 12.33 -3.10
N LEU B 106 11.86 13.31 -3.08
CA LEU B 106 11.96 14.29 -1.99
C LEU B 106 11.71 13.67 -0.65
N ALA B 107 10.65 12.84 -0.53
CA ALA B 107 10.33 12.26 0.74
C ALA B 107 11.37 11.29 1.30
N THR B 108 12.17 10.67 0.42
CA THR B 108 13.14 9.67 0.83
C THR B 108 14.63 10.04 0.66
N TYR B 109 14.87 11.33 0.42
CA TYR B 109 16.25 11.89 0.33
C TYR B 109 17.02 11.37 -0.87
N THR B 110 16.29 10.98 -1.92
CA THR B 110 16.94 10.41 -3.10
C THR B 110 16.84 11.27 -4.36
N ALA B 111 16.59 12.56 -4.16
CA ALA B 111 16.51 13.50 -5.26
C ALA B 111 17.85 13.73 -6.00
N GLY B 112 18.97 13.42 -5.34
CA GLY B 112 20.27 13.57 -5.97
C GLY B 112 21.17 14.55 -5.25
N GLY B 113 21.11 14.59 -3.92
CA GLY B 113 22.01 15.46 -3.19
C GLY B 113 21.50 16.79 -2.69
N LEU B 114 20.20 16.91 -2.45
CA LEU B 114 19.71 18.14 -1.82
C LEU B 114 20.45 18.21 -0.48
N PRO B 115 20.84 19.42 -0.04
CA PRO B 115 21.58 19.57 1.22
C PRO B 115 20.91 19.33 2.55
N LEU B 116 21.74 18.95 3.52
CA LEU B 116 21.30 18.65 4.88
C LEU B 116 20.40 19.77 5.42
N GLN B 117 20.80 21.01 5.20
CA GLN B 117 20.04 22.16 5.68
C GLN B 117 19.71 23.11 4.58
N VAL B 118 18.58 23.78 4.74
CA VAL B 118 18.20 24.85 3.82
C VAL B 118 19.14 25.93 4.39
N PRO B 119 19.87 26.65 3.53
CA PRO B 119 20.78 27.67 4.11
C PRO B 119 20.11 28.75 5.00
N ASP B 120 20.84 29.19 6.03
CA ASP B 120 20.36 30.18 6.96
C ASP B 120 19.85 31.45 6.28
N GLU B 121 20.54 31.89 5.23
CA GLU B 121 20.14 33.11 4.52
C GLU B 121 18.73 33.06 3.94
N VAL B 122 18.25 31.88 3.58
CA VAL B 122 16.89 31.77 3.03
C VAL B 122 15.88 32.19 4.08
N LYS B 123 15.24 33.33 3.89
CA LYS B 123 14.27 33.82 4.88
C LYS B 123 12.91 34.18 4.27
N SER B 124 12.73 33.92 2.98
CA SER B 124 11.46 34.25 2.34
C SER B 124 11.09 33.22 1.27
N SER B 125 9.83 33.21 0.87
CA SER B 125 9.36 32.31 -0.16
C SER B 125 10.13 32.51 -1.47
N SER B 126 10.53 33.75 -1.72
CA SER B 126 11.28 34.07 -2.92
C SER B 126 12.69 33.49 -2.85
N ASP B 127 13.33 33.61 -1.68
CA ASP B 127 14.68 33.06 -1.44
C ASP B 127 14.63 31.55 -1.61
N LEU B 128 13.52 30.96 -1.17
CA LEU B 128 13.39 29.50 -1.22
C LEU B 128 13.27 29.01 -2.65
N LEU B 129 12.43 29.69 -3.44
CA LEU B 129 12.29 29.30 -4.84
C LEU B 129 13.65 29.44 -5.54
N ARG B 130 14.34 30.55 -5.29
CA ARG B 130 15.66 30.80 -5.88
C ARG B 130 16.62 29.64 -5.56
N PHE B 131 16.66 29.27 -4.28
CA PHE B 131 17.51 28.19 -3.81
C PHE B 131 17.26 26.88 -4.59
N TYR B 132 16.00 26.46 -4.68
CA TYR B 132 15.75 25.22 -5.41
C TYR B 132 15.97 25.34 -6.91
N GLN B 133 15.68 26.51 -7.48
CA GLN B 133 15.88 26.71 -8.93
C GLN B 133 17.37 26.71 -9.27
N ASN B 134 18.19 27.16 -8.33
CA ASN B 134 19.64 27.22 -8.52
C ASN B 134 20.38 25.94 -8.13
N TRP B 135 19.73 25.05 -7.40
CA TRP B 135 20.36 23.83 -6.94
C TRP B 135 20.71 22.92 -8.11
N GLN B 136 21.93 22.41 -8.12
CA GLN B 136 22.39 21.48 -9.16
C GLN B 136 22.72 20.21 -8.41
N PRO B 137 22.11 19.09 -8.83
CA PRO B 137 22.32 17.78 -8.19
C PRO B 137 23.69 17.16 -8.30
N ALA B 138 24.08 16.42 -7.27
CA ALA B 138 25.37 15.70 -7.26
C ALA B 138 25.25 14.36 -7.97
N TRP B 139 24.02 13.84 -8.08
CA TRP B 139 23.74 12.54 -8.71
C TRP B 139 22.38 12.57 -9.36
N ALA B 140 22.11 11.59 -10.20
CA ALA B 140 20.80 11.49 -10.83
C ALA B 140 19.76 11.07 -9.80
N PRO B 141 18.48 11.39 -10.06
CA PRO B 141 17.44 10.97 -9.11
C PRO B 141 17.40 9.46 -8.88
N GLY B 142 17.06 9.07 -7.67
CA GLY B 142 16.92 7.65 -7.36
C GLY B 142 18.15 6.79 -7.39
N THR B 143 19.31 7.38 -7.11
CA THR B 143 20.56 6.62 -7.08
C THR B 143 21.28 6.65 -5.73
N GLN B 144 21.19 7.78 -5.02
CA GLN B 144 21.88 7.91 -3.75
C GLN B 144 20.96 8.54 -2.73
N ARG B 145 21.09 8.07 -1.51
CA ARG B 145 20.34 8.63 -0.39
C ARG B 145 21.29 9.56 0.39
N LEU B 146 20.84 10.80 0.59
CA LEU B 146 21.59 11.78 1.39
C LEU B 146 20.59 12.49 2.31
N TYR B 147 20.63 12.12 3.59
CA TYR B 147 19.72 12.67 4.60
C TYR B 147 19.67 14.20 4.49
N ALA B 148 18.47 14.77 4.35
CA ALA B 148 18.39 16.22 4.15
C ALA B 148 17.05 16.85 4.53
N ASN B 149 17.13 17.93 5.29
CA ASN B 149 15.94 18.67 5.66
C ASN B 149 15.36 19.37 4.43
N SER B 150 16.23 19.77 3.50
CA SER B 150 15.75 20.47 2.31
C SER B 150 15.02 19.53 1.36
N SER B 151 15.16 18.22 1.58
CA SER B 151 14.46 17.25 0.75
C SER B 151 13.06 16.94 1.32
N ILE B 152 13.00 16.34 2.50
CA ILE B 152 11.71 15.99 3.07
C ILE B 152 10.93 17.22 3.51
N GLY B 153 11.65 18.30 3.80
CA GLY B 153 10.99 19.54 4.15
C GLY B 153 10.12 20.05 3.00
N LEU B 154 10.67 20.01 1.78
CA LEU B 154 9.95 20.43 0.58
C LEU B 154 8.81 19.45 0.29
N PHE B 155 9.05 18.15 0.52
CA PHE B 155 7.98 17.17 0.33
C PHE B 155 6.77 17.53 1.20
N GLY B 156 7.05 17.86 2.46
CA GLY B 156 5.98 18.22 3.38
C GLY B 156 5.21 19.44 2.93
N ALA B 157 5.93 20.45 2.48
CA ALA B 157 5.30 21.69 2.02
C ALA B 157 4.42 21.48 0.78
N LEU B 158 4.89 20.65 -0.14
CA LEU B 158 4.15 20.37 -1.37
C LEU B 158 3.00 19.39 -1.17
N ALA B 159 3.18 18.44 -0.25
CA ALA B 159 2.18 17.42 0.02
C ALA B 159 0.84 18.00 0.44
N VAL B 160 0.87 19.14 1.16
CA VAL B 160 -0.40 19.73 1.60
C VAL B 160 -1.06 20.71 0.62
N LYS B 161 -0.38 21.07 -0.46
CA LYS B 161 -0.98 22.03 -1.41
C LYS B 161 -2.37 21.68 -1.92
N PRO B 162 -2.58 20.47 -2.45
CA PRO B 162 -3.92 20.15 -2.95
C PRO B 162 -5.06 20.31 -1.91
N SER B 163 -4.74 20.18 -0.62
CA SER B 163 -5.77 20.28 0.41
C SER B 163 -6.17 21.74 0.62
N GLY B 164 -5.28 22.66 0.24
CA GLY B 164 -5.55 24.08 0.45
C GLY B 164 -5.27 24.52 1.89
N LEU B 165 -4.93 23.58 2.76
CA LEU B 165 -4.65 23.88 4.17
C LEU B 165 -3.16 24.20 4.36
N SER B 166 -2.82 24.99 5.38
CA SER B 166 -1.42 25.28 5.66
C SER B 166 -0.83 23.98 6.19
N PHE B 167 0.50 23.88 6.23
CA PHE B 167 1.09 22.66 6.76
C PHE B 167 0.66 22.41 8.20
N GLU B 168 0.70 23.45 9.03
CA GLU B 168 0.32 23.29 10.40
C GLU B 168 -1.16 22.88 10.58
N GLN B 169 -2.06 23.49 9.80
CA GLN B 169 -3.45 23.12 9.92
C GLN B 169 -3.71 21.70 9.45
N ALA B 170 -3.04 21.30 8.37
CA ALA B 170 -3.21 19.93 7.88
C ALA B 170 -2.69 18.96 8.94
N MET B 171 -1.53 19.25 9.49
CA MET B 171 -0.97 18.38 10.52
C MET B 171 -1.84 18.28 11.78
N GLN B 172 -2.37 19.42 12.24
CA GLN B 172 -3.20 19.39 13.45
C GLN B 172 -4.51 18.65 13.25
N THR B 173 -5.19 18.90 12.14
CA THR B 173 -6.49 18.29 11.90
C THR B 173 -6.48 16.88 11.34
N ARG B 174 -5.41 16.51 10.63
CA ARG B 174 -5.39 15.17 10.02
C ARG B 174 -4.54 14.16 10.77
N VAL B 175 -3.68 14.62 11.66
CA VAL B 175 -2.81 13.66 12.35
C VAL B 175 -2.87 13.84 13.86
N PHE B 176 -2.53 15.03 14.35
CA PHE B 176 -2.52 15.25 15.81
C PHE B 176 -3.88 15.01 16.49
N GLN B 177 -4.94 15.62 15.96
CA GLN B 177 -6.24 15.49 16.58
C GLN B 177 -6.89 14.12 16.55
N PRO B 178 -6.86 13.44 15.40
CA PRO B 178 -7.45 12.12 15.32
C PRO B 178 -6.81 11.13 16.30
N LEU B 179 -5.52 11.31 16.56
CA LEU B 179 -4.77 10.43 17.46
C LEU B 179 -4.74 10.96 18.88
N LYS B 180 -5.51 12.02 19.10
CA LYS B 180 -5.61 12.65 20.42
C LYS B 180 -4.26 13.07 20.99
N LEU B 181 -3.42 13.66 20.16
CA LEU B 181 -2.14 14.17 20.61
C LEU B 181 -2.49 15.62 20.96
N ASN B 182 -3.03 15.81 22.15
CA ASN B 182 -3.48 17.16 22.55
C ASN B 182 -2.43 18.10 23.12
N HIS B 183 -1.19 17.64 23.25
CA HIS B 183 -0.14 18.50 23.76
C HIS B 183 1.05 18.38 22.84
N THR B 184 0.73 18.38 21.55
CA THR B 184 1.75 18.30 20.51
C THR B 184 1.54 19.49 19.57
N TRP B 185 2.63 20.23 19.33
CA TRP B 185 2.56 21.44 18.54
C TRP B 185 3.70 21.74 17.61
N ILE B 186 3.39 22.46 16.53
CA ILE B 186 4.42 22.93 15.64
C ILE B 186 4.78 24.30 16.22
N ASN B 187 3.76 25.07 16.63
CA ASN B 187 4.01 26.37 17.29
C ASN B 187 3.37 26.29 18.70
N VAL B 188 4.19 26.32 19.75
CA VAL B 188 3.70 26.20 21.12
C VAL B 188 2.92 27.45 21.49
N PRO B 189 1.62 27.29 21.83
CA PRO B 189 0.76 28.43 22.20
C PRO B 189 1.09 28.94 23.60
N PRO B 190 0.65 30.17 23.92
CA PRO B 190 0.94 30.72 25.26
C PRO B 190 0.57 29.85 26.45
N ALA B 191 -0.57 29.16 26.36
CA ALA B 191 -1.00 28.30 27.46
C ALA B 191 -0.07 27.13 27.73
N GLU B 192 0.78 26.77 26.77
CA GLU B 192 1.69 25.65 26.98
C GLU B 192 3.10 26.13 27.28
N GLU B 193 3.36 27.43 27.19
CA GLU B 193 4.70 27.91 27.44
C GLU B 193 5.31 27.46 28.78
N LYS B 194 4.50 27.39 29.85
CA LYS B 194 4.97 26.96 31.17
C LYS B 194 5.44 25.50 31.18
N ASN B 195 4.96 24.71 30.21
CA ASN B 195 5.31 23.29 30.11
C ASN B 195 6.42 23.03 29.08
N TYR B 196 6.86 24.07 28.40
CA TYR B 196 7.87 23.92 27.37
C TYR B 196 9.27 23.90 27.94
N ALA B 197 9.90 22.73 27.93
CA ALA B 197 11.24 22.62 28.47
C ALA B 197 12.21 23.50 27.72
N TRP B 198 13.27 23.87 28.42
CA TRP B 198 14.36 24.63 27.82
C TRP B 198 15.34 23.58 27.38
N GLY B 199 16.03 23.84 26.28
CA GLY B 199 17.05 22.93 25.84
C GLY B 199 18.33 23.49 26.43
N TYR B 200 19.38 22.69 26.52
CA TYR B 200 20.66 23.18 27.04
C TYR B 200 21.83 22.85 26.14
N ARG B 201 22.54 23.89 25.72
CA ARG B 201 23.71 23.75 24.86
C ARG B 201 24.82 24.59 25.50
N GLU B 202 25.96 23.93 25.77
CA GLU B 202 27.10 24.56 26.43
C GLU B 202 26.60 25.26 27.68
N GLY B 203 25.78 24.55 28.44
CA GLY B 203 25.24 25.10 29.66
C GLY B 203 24.24 26.23 29.55
N LYS B 204 23.91 26.64 28.33
CA LYS B 204 22.95 27.74 28.14
C LYS B 204 21.55 27.27 27.72
N ALA B 205 20.51 27.90 28.26
CA ALA B 205 19.14 27.54 27.90
C ALA B 205 18.84 28.01 26.48
N VAL B 206 18.24 27.14 25.67
CA VAL B 206 17.92 27.48 24.29
C VAL B 206 16.66 26.79 23.78
N HIS B 207 16.07 27.42 22.77
CA HIS B 207 14.91 26.91 22.08
C HIS B 207 15.29 26.97 20.61
N VAL B 208 14.73 26.07 19.82
CA VAL B 208 15.06 26.07 18.41
C VAL B 208 14.64 27.40 17.76
N SER B 209 15.46 27.88 16.83
CA SER B 209 15.13 29.14 16.18
C SER B 209 14.38 28.92 14.87
N PRO B 210 13.61 29.91 14.44
CA PRO B 210 12.84 29.83 13.18
C PRO B 210 13.73 29.60 11.95
N GLY B 211 13.22 28.83 10.99
CA GLY B 211 13.97 28.58 9.77
C GLY B 211 13.06 28.12 8.66
N ALA B 212 13.52 28.22 7.42
CA ALA B 212 12.71 27.80 6.29
C ALA B 212 12.43 26.31 6.38
N LEU B 213 11.18 25.91 6.16
CA LEU B 213 10.79 24.51 6.19
C LEU B 213 11.09 23.87 7.53
N ASP B 214 11.10 24.66 8.60
CA ASP B 214 11.34 24.09 9.90
C ASP B 214 10.19 23.20 10.36
N ALA B 215 8.96 23.65 10.19
CA ALA B 215 7.82 22.87 10.65
C ALA B 215 7.84 21.47 10.02
N GLU B 216 8.20 21.44 8.75
CA GLU B 216 8.21 20.23 7.94
C GLU B 216 9.35 19.27 8.26
N ALA B 217 10.49 19.81 8.64
CA ALA B 217 11.64 18.95 8.88
C ALA B 217 12.09 18.74 10.29
N TYR B 218 11.81 19.67 11.21
CA TYR B 218 12.31 19.48 12.57
C TYR B 218 11.56 20.28 13.60
N GLY B 219 10.35 20.68 13.25
CA GLY B 219 9.62 21.59 14.14
C GLY B 219 8.59 21.18 15.14
N VAL B 220 8.39 19.89 15.39
CA VAL B 220 7.37 19.50 16.34
C VAL B 220 7.88 19.45 17.76
N LYS B 221 7.01 19.83 18.70
CA LYS B 221 7.32 19.75 20.14
C LYS B 221 6.20 18.88 20.73
N SER B 222 6.54 17.95 21.63
CA SER B 222 5.51 17.07 22.17
C SER B 222 5.90 16.60 23.56
N THR B 223 4.95 15.98 24.25
CA THR B 223 5.16 15.44 25.60
C THR B 223 5.42 13.94 25.51
N ILE B 224 5.92 13.35 26.58
CA ILE B 224 6.20 11.94 26.56
C ILE B 224 4.90 11.14 26.45
N GLU B 225 3.80 11.66 26.99
CA GLU B 225 2.54 10.94 26.89
C GLU B 225 2.06 10.93 25.45
N ASP B 226 2.14 12.07 24.77
CA ASP B 226 1.66 12.12 23.40
C ASP B 226 2.59 11.28 22.51
N MET B 227 3.89 11.30 22.80
CA MET B 227 4.79 10.48 21.99
C MET B 227 4.54 8.98 22.18
N ALA B 228 4.12 8.57 23.39
CA ALA B 228 3.82 7.17 23.64
C ALA B 228 2.62 6.80 22.75
N ARG B 229 1.67 7.72 22.66
CA ARG B 229 0.47 7.52 21.85
C ARG B 229 0.87 7.46 20.36
N TRP B 230 1.83 8.30 19.98
CA TRP B 230 2.34 8.28 18.59
C TRP B 230 2.98 6.92 18.31
N VAL B 231 3.70 6.37 19.27
CA VAL B 231 4.30 5.07 19.02
C VAL B 231 3.23 4.00 18.91
N GLN B 232 2.23 4.03 19.79
CA GLN B 232 1.14 3.05 19.75
C GLN B 232 0.43 3.07 18.42
N SER B 233 0.20 4.27 17.89
CA SER B 233 -0.50 4.43 16.63
C SER B 233 0.28 3.87 15.47
N ASN B 234 1.62 4.00 15.52
CA ASN B 234 2.46 3.46 14.44
C ASN B 234 2.71 1.99 14.64
N LEU B 235 2.54 1.53 15.88
CA LEU B 235 2.75 0.15 16.25
C LEU B 235 1.57 -0.68 15.75
N LYS B 236 0.38 -0.13 15.91
CA LYS B 236 -0.88 -0.80 15.54
C LYS B 236 -1.78 0.16 14.77
N PRO B 237 -1.49 0.38 13.49
CA PRO B 237 -2.35 1.30 12.74
C PRO B 237 -3.81 0.90 12.52
N LEU B 238 -4.09 -0.40 12.56
CA LEU B 238 -5.45 -0.88 12.37
C LEU B 238 -6.41 -0.44 13.46
N ASP B 239 -5.86 0.02 14.59
CA ASP B 239 -6.68 0.49 15.69
C ASP B 239 -7.19 1.91 15.46
N ILE B 240 -6.73 2.52 14.38
CA ILE B 240 -7.13 3.89 14.05
C ILE B 240 -8.40 3.95 13.19
N ASN B 241 -9.36 4.74 13.64
CA ASN B 241 -10.65 4.90 12.97
C ASN B 241 -10.61 5.59 11.61
N GLU B 242 -9.97 6.76 11.55
CA GLU B 242 -9.86 7.53 10.32
C GLU B 242 -9.11 6.70 9.29
N LYS B 243 -9.84 6.21 8.30
CA LYS B 243 -9.30 5.35 7.26
C LYS B 243 -8.06 5.84 6.54
N THR B 244 -8.06 7.09 6.06
CA THR B 244 -6.88 7.56 5.35
C THR B 244 -5.68 7.72 6.27
N LEU B 245 -5.90 7.99 7.56
CA LEU B 245 -4.76 8.11 8.47
C LEU B 245 -4.16 6.73 8.70
N GLN B 246 -5.02 5.73 8.93
CA GLN B 246 -4.60 4.35 9.10
C GLN B 246 -3.74 3.95 7.89
N GLN B 247 -4.23 4.22 6.68
CA GLN B 247 -3.45 3.90 5.48
C GLN B 247 -2.16 4.72 5.35
N GLY B 248 -2.19 5.98 5.77
CA GLY B 248 -1.02 6.84 5.70
C GLY B 248 0.08 6.34 6.61
N ILE B 249 -0.27 5.90 7.82
CA ILE B 249 0.71 5.35 8.73
C ILE B 249 1.32 4.09 8.08
N GLN B 250 0.49 3.23 7.48
CA GLN B 250 1.01 2.02 6.85
C GLN B 250 1.94 2.38 5.68
N LEU B 251 1.57 3.36 4.87
CA LEU B 251 2.40 3.80 3.74
C LEU B 251 3.75 4.36 4.19
N ALA B 252 3.79 5.00 5.35
CA ALA B 252 5.03 5.55 5.84
C ALA B 252 6.05 4.49 6.26
N GLN B 253 5.56 3.27 6.48
CA GLN B 253 6.42 2.17 6.86
C GLN B 253 6.66 1.22 5.69
N SER B 254 6.19 1.60 4.52
CA SER B 254 6.53 0.78 3.34
C SER B 254 8.04 0.94 3.10
N ARG B 255 8.65 -0.07 2.49
CA ARG B 255 10.08 -0.01 2.19
C ARG B 255 10.27 0.38 0.73
N TYR B 256 10.78 1.58 0.48
CA TYR B 256 10.93 2.14 -0.85
C TYR B 256 12.32 1.99 -1.45
N TRP B 257 13.30 1.96 -0.55
CA TRP B 257 14.71 1.88 -0.92
C TRP B 257 15.48 1.12 0.11
N GLN B 258 16.52 0.43 -0.34
CA GLN B 258 17.37 -0.28 0.59
C GLN B 258 18.80 0.21 0.42
N THR B 259 19.46 0.39 1.56
CA THR B 259 20.87 0.76 1.65
C THR B 259 21.42 -0.13 2.75
N GLY B 260 22.27 -1.09 2.41
CA GLY B 260 22.80 -1.99 3.42
C GLY B 260 21.67 -2.75 4.07
N ASP B 261 21.61 -2.78 5.40
CA ASP B 261 20.54 -3.49 6.07
C ASP B 261 19.33 -2.61 6.43
N MET B 262 19.33 -1.36 5.96
CA MET B 262 18.26 -0.41 6.27
C MET B 262 17.36 -0.13 5.09
N TYR B 263 16.09 0.15 5.40
CA TYR B 263 15.11 0.46 4.40
C TYR B 263 14.52 1.82 4.74
N GLN B 264 14.30 2.61 3.71
CA GLN B 264 13.81 3.94 3.92
C GLN B 264 12.31 3.99 3.67
N GLY B 265 11.58 4.50 4.66
CA GLY B 265 10.15 4.69 4.54
C GLY B 265 9.89 6.17 4.35
N LEU B 266 8.71 6.68 4.73
CA LEU B 266 8.44 8.12 4.65
C LEU B 266 8.67 8.60 6.10
N GLY B 267 9.81 9.25 6.36
CA GLY B 267 10.14 9.70 7.73
C GLY B 267 10.80 8.56 8.50
N TRP B 268 10.06 7.48 8.70
CA TRP B 268 10.62 6.33 9.39
C TRP B 268 11.69 5.60 8.56
N GLU B 269 12.56 4.92 9.29
CA GLU B 269 13.61 4.05 8.73
C GLU B 269 13.38 2.70 9.40
N MET B 270 13.63 1.62 8.66
CA MET B 270 13.32 0.28 9.19
C MET B 270 14.42 -0.71 8.90
N LEU B 271 14.54 -1.73 9.76
CA LEU B 271 15.49 -2.82 9.54
C LEU B 271 14.73 -4.08 9.94
N ASP B 272 15.09 -5.23 9.38
CA ASP B 272 14.43 -6.45 9.81
C ASP B 272 14.80 -6.79 11.23
N TRP B 273 13.84 -7.31 11.99
CA TRP B 273 14.07 -7.73 13.36
C TRP B 273 14.17 -9.26 13.34
N PRO B 274 15.12 -9.87 14.09
CA PRO B 274 16.11 -9.24 14.96
C PRO B 274 17.13 -8.43 14.18
N VAL B 275 17.63 -7.38 14.80
CA VAL B 275 18.58 -6.54 14.11
C VAL B 275 19.96 -6.76 14.71
N ASN B 276 20.98 -6.35 13.95
CA ASN B 276 22.37 -6.41 14.42
C ASN B 276 22.51 -5.12 15.25
N PRO B 277 22.70 -5.22 16.57
CA PRO B 277 22.82 -4.00 17.37
C PRO B 277 23.93 -3.06 16.99
N ASP B 278 25.10 -3.60 16.70
CA ASP B 278 26.17 -2.70 16.32
C ASP B 278 25.86 -1.98 15.04
N SER B 279 25.13 -2.62 14.12
CA SER B 279 24.79 -1.95 12.88
C SER B 279 23.94 -0.71 13.13
N ILE B 280 22.91 -0.81 13.99
CA ILE B 280 22.10 0.38 14.23
C ILE B 280 22.78 1.40 15.14
N ILE B 281 23.57 0.92 16.10
CA ILE B 281 24.24 1.82 17.01
C ILE B 281 25.31 2.59 16.25
N ASN B 282 26.19 1.88 15.54
CA ASN B 282 27.24 2.57 14.81
C ASN B 282 26.66 3.33 13.63
N GLY B 283 25.62 2.81 13.00
CA GLY B 283 25.04 3.51 11.87
C GLY B 283 24.31 4.78 12.22
N SER B 284 24.03 4.98 13.50
CA SER B 284 23.31 6.18 13.93
C SER B 284 24.29 7.33 14.12
N ASP B 285 25.58 7.03 14.13
CA ASP B 285 26.58 8.08 14.26
C ASP B 285 26.46 8.95 13.01
N ASN B 286 26.46 10.27 13.19
CA ASN B 286 26.33 11.15 12.03
C ASN B 286 27.37 10.97 10.92
N LYS B 287 28.55 10.45 11.25
CA LYS B 287 29.55 10.20 10.20
C LYS B 287 28.96 9.25 9.16
N ILE B 288 28.05 8.37 9.57
CA ILE B 288 27.43 7.44 8.65
C ILE B 288 26.02 7.90 8.26
N ALA B 289 25.23 8.29 9.26
CA ALA B 289 23.84 8.65 8.98
C ALA B 289 23.69 9.86 8.04
N LEU B 290 24.69 10.75 8.01
CA LEU B 290 24.56 11.90 7.13
C LEU B 290 25.32 11.74 5.82
N ALA B 291 25.99 10.60 5.65
CA ALA B 291 26.77 10.34 4.44
C ALA B 291 25.93 9.81 3.28
N ALA B 292 26.35 10.06 2.05
CA ALA B 292 25.64 9.55 0.89
C ALA B 292 25.85 8.05 0.81
N ARG B 293 24.78 7.32 0.49
CA ARG B 293 24.85 5.89 0.36
C ARG B 293 24.06 5.49 -0.88
N PRO B 294 24.57 4.53 -1.64
CA PRO B 294 23.83 4.13 -2.82
C PRO B 294 22.56 3.36 -2.44
N VAL B 295 21.49 3.59 -3.18
CA VAL B 295 20.23 2.91 -2.87
C VAL B 295 19.79 1.98 -3.98
N LYS B 296 19.11 0.92 -3.59
CA LYS B 296 18.52 0.02 -4.57
C LYS B 296 17.02 0.24 -4.45
N ALA B 297 16.31 0.40 -5.57
CA ALA B 297 14.87 0.61 -5.55
C ALA B 297 14.20 -0.69 -5.23
N ILE B 298 13.11 -0.58 -4.48
CA ILE B 298 12.35 -1.77 -4.14
C ILE B 298 11.11 -1.56 -5.00
N THR B 299 11.07 -2.30 -6.11
CA THR B 299 10.05 -2.16 -7.15
C THR B 299 9.11 -3.35 -7.25
N PRO B 300 7.89 -3.22 -6.74
CA PRO B 300 7.29 -2.06 -6.07
C PRO B 300 7.64 -2.10 -4.59
N PRO B 301 7.36 -1.01 -3.84
CA PRO B 301 7.68 -0.99 -2.42
C PRO B 301 7.06 -2.13 -1.60
N THR B 302 7.82 -2.64 -0.64
CA THR B 302 7.30 -3.68 0.23
C THR B 302 6.37 -3.09 1.28
N PRO B 303 5.17 -3.65 1.44
CA PRO B 303 4.27 -3.10 2.45
C PRO B 303 4.90 -3.27 3.83
N ALA B 304 4.53 -2.40 4.77
CA ALA B 304 5.06 -2.45 6.12
C ALA B 304 5.26 -3.87 6.67
N VAL B 305 6.49 -4.18 7.08
CA VAL B 305 6.84 -5.47 7.64
C VAL B 305 6.70 -5.44 9.16
N ARG B 306 5.90 -6.35 9.70
CA ARG B 306 5.69 -6.40 11.14
C ARG B 306 6.97 -6.68 11.91
N ALA B 307 7.75 -7.65 11.47
CA ALA B 307 9.00 -8.03 12.13
C ALA B 307 10.10 -7.04 11.70
N SER B 308 9.94 -5.82 12.16
CA SER B 308 10.92 -4.76 11.86
C SER B 308 11.27 -3.97 13.09
N TRP B 309 12.43 -3.37 13.04
CA TRP B 309 12.88 -2.41 14.05
C TRP B 309 12.64 -1.12 13.25
N VAL B 310 11.69 -0.28 13.71
CA VAL B 310 11.35 0.95 13.01
C VAL B 310 11.84 2.06 13.94
N HIS B 311 12.58 3.05 13.40
CA HIS B 311 13.10 4.07 14.35
C HIS B 311 13.44 5.38 13.67
N LYS B 312 13.72 6.38 14.53
CA LYS B 312 14.12 7.68 14.03
C LYS B 312 14.77 8.44 15.18
N THR B 313 15.91 9.05 14.85
CA THR B 313 16.67 9.91 15.77
C THR B 313 16.29 11.38 15.42
N GLY B 314 16.43 12.28 16.38
CA GLY B 314 16.15 13.69 16.08
C GLY B 314 16.95 14.56 17.04
N ALA B 315 17.42 15.73 16.58
CA ALA B 315 18.15 16.66 17.46
C ALA B 315 17.85 18.11 17.11
N THR B 316 17.97 18.99 18.11
CA THR B 316 17.92 20.45 17.85
C THR B 316 19.12 20.90 18.67
N GLY B 317 19.40 22.21 18.68
CA GLY B 317 20.55 22.68 19.42
C GLY B 317 20.58 22.22 20.85
N GLY B 318 19.42 22.24 21.51
CA GLY B 318 19.39 21.84 22.89
C GLY B 318 18.63 20.57 23.23
N PHE B 319 18.22 19.78 22.22
CA PHE B 319 17.45 18.58 22.55
C PHE B 319 17.92 17.37 21.74
N GLY B 320 17.64 16.17 22.25
CA GLY B 320 18.02 14.94 21.55
C GLY B 320 16.91 13.95 21.80
N SER B 321 16.33 13.43 20.71
CA SER B 321 15.20 12.50 20.85
C SER B 321 15.50 11.20 20.11
N TYR B 322 14.75 10.16 20.45
CA TYR B 322 14.84 8.89 19.77
C TYR B 322 13.54 8.12 19.96
N VAL B 323 13.12 7.42 18.91
CA VAL B 323 11.91 6.59 18.97
C VAL B 323 12.22 5.31 18.21
N ALA B 324 11.84 4.16 18.80
CA ALA B 324 12.04 2.86 18.13
C ALA B 324 10.92 1.92 18.53
N PHE B 325 10.43 1.10 17.61
CA PHE B 325 9.38 0.17 17.99
C PHE B 325 9.44 -1.03 17.08
N ILE B 326 8.87 -2.13 17.56
CA ILE B 326 8.90 -3.41 16.83
C ILE B 326 7.44 -3.83 16.77
N PRO B 327 6.75 -3.63 15.64
CA PRO B 327 5.33 -4.01 15.56
C PRO B 327 4.98 -5.42 16.00
N GLU B 328 5.72 -6.41 15.53
CA GLU B 328 5.44 -7.83 15.87
C GLU B 328 5.51 -8.18 17.35
N LYS B 329 6.16 -7.35 18.13
CA LYS B 329 6.31 -7.62 19.55
C LYS B 329 5.48 -6.62 20.38
N GLU B 330 4.79 -5.71 19.71
CA GLU B 330 3.97 -4.67 20.37
C GLU B 330 4.82 -3.96 21.42
N LEU B 331 6.05 -3.67 21.01
CA LEU B 331 7.04 -3.07 21.90
C LEU B 331 7.63 -1.78 21.31
N GLY B 332 7.79 -0.76 22.15
CA GLY B 332 8.41 0.46 21.67
C GLY B 332 8.98 1.30 22.77
N ILE B 333 9.72 2.33 22.38
CA ILE B 333 10.31 3.20 23.38
C ILE B 333 10.46 4.61 22.82
N VAL B 334 10.28 5.60 23.69
CA VAL B 334 10.49 7.00 23.29
C VAL B 334 11.45 7.56 24.33
N MET B 335 12.48 8.28 23.88
CA MET B 335 13.49 8.90 24.79
C MET B 335 13.61 10.39 24.42
N LEU B 336 13.18 11.26 25.33
CA LEU B 336 13.23 12.72 25.10
C LEU B 336 14.14 13.37 26.13
N ALA B 337 15.18 14.03 25.66
CA ALA B 337 16.11 14.71 26.57
C ALA B 337 16.33 16.16 26.13
N ASN B 338 16.54 17.00 27.15
CA ASN B 338 16.78 18.39 26.83
C ASN B 338 18.24 18.76 26.76
N LYS B 339 19.01 17.86 26.15
CA LYS B 339 20.41 18.09 25.83
C LYS B 339 20.67 17.21 24.59
N ASN B 340 21.40 17.74 23.62
CA ASN B 340 21.70 16.98 22.42
C ASN B 340 22.95 16.17 22.72
N TYR B 341 22.77 14.86 22.91
CA TYR B 341 23.88 13.97 23.21
C TYR B 341 23.97 12.97 22.02
N PRO B 342 25.16 12.37 21.80
CA PRO B 342 25.39 11.45 20.67
C PRO B 342 24.38 10.34 20.37
N ASN B 343 24.01 10.25 19.09
CA ASN B 343 23.03 9.25 18.66
C ASN B 343 23.37 7.82 19.09
N PRO B 344 24.65 7.40 18.94
CA PRO B 344 24.94 6.02 19.35
C PRO B 344 24.60 5.67 20.77
N ALA B 345 24.68 6.64 21.68
CA ALA B 345 24.36 6.41 23.07
C ALA B 345 22.85 6.21 23.21
N ARG B 346 22.07 6.90 22.39
CA ARG B 346 20.60 6.76 22.45
C ARG B 346 20.17 5.40 21.97
N VAL B 347 20.69 5.01 20.81
CA VAL B 347 20.31 3.74 20.19
C VAL B 347 20.75 2.57 21.03
N ASP B 348 21.95 2.69 21.59
CA ASP B 348 22.50 1.64 22.48
C ASP B 348 21.58 1.39 23.66
N ALA B 349 21.19 2.47 24.32
CA ALA B 349 20.28 2.37 25.46
C ALA B 349 18.92 1.80 25.05
N ALA B 350 18.35 2.32 23.96
CA ALA B 350 17.05 1.84 23.50
C ALA B 350 17.13 0.34 23.17
N TRP B 351 18.21 -0.06 22.51
CA TRP B 351 18.38 -1.48 22.17
C TRP B 351 18.46 -2.35 23.44
N GLN B 352 19.25 -1.95 24.41
CA GLN B 352 19.38 -2.69 25.65
C GLN B 352 17.99 -2.91 26.26
N ILE B 353 17.17 -1.86 26.27
CA ILE B 353 15.87 -1.97 26.86
C ILE B 353 14.92 -2.86 26.07
N LEU B 354 14.76 -2.60 24.76
CA LEU B 354 13.81 -3.40 24.00
C LEU B 354 14.25 -4.85 23.87
N ASN B 355 15.55 -5.08 23.71
CA ASN B 355 16.02 -6.45 23.59
C ASN B 355 15.73 -7.23 24.87
N ALA B 356 15.86 -6.58 26.02
CA ALA B 356 15.59 -7.23 27.31
C ALA B 356 14.12 -7.56 27.48
N LEU B 357 13.25 -6.85 26.79
CA LEU B 357 11.82 -7.06 26.95
C LEU B 357 11.17 -7.87 25.86
N GLN B 358 11.82 -8.00 24.72
CA GLN B 358 11.25 -8.75 23.59
C GLN B 358 11.25 -10.25 23.82
P PO4 C . -10.41 -14.54 -20.09
O1 PO4 C . -10.63 -13.01 -20.02
O2 PO4 C . -11.67 -15.25 -19.57
O3 PO4 C . -10.14 -14.96 -21.55
O4 PO4 C . -9.21 -14.90 -19.20
P PO4 D . -21.86 -25.63 1.17
O1 PO4 D . -21.15 -24.37 0.68
O2 PO4 D . -22.98 -26.01 0.17
O3 PO4 D . -20.85 -26.78 1.28
O4 PO4 D . -22.49 -25.34 2.57
S1 KCP E . 4.33 -25.81 -11.14
S1 KCP E . 3.09 -25.57 -10.22
C2 KCP E . 5.28 -24.39 -10.32
C2 KCP E . 4.52 -24.35 -9.95
C3 KCP E . 6.57 -24.88 -9.56
C3 KCP E . 5.86 -25.00 -9.44
C3' KCP E . 7.48 -23.94 -9.11
C3' KCP E . 6.96 -24.17 -9.27
C4 KCP E . 6.77 -26.41 -9.21
C4 KCP E . 5.94 -26.51 -9.00
C4' KCP E . 8.01 -26.99 -8.55
C4' KCP E . 7.27 -27.19 -8.54
O4A KCP E . 8.27 -28.20 -8.72
O4A KCP E . 7.61 -28.25 -9.10
O4B KCP E . 8.76 -26.24 -7.86
O4B KCP E . 7.97 -26.65 -7.65
N5 KCP E . 5.72 -27.30 -9.45
N5 KCP E . 4.75 -27.29 -8.92
C6 KCP E . 4.35 -26.87 -9.66
C6 KCP E . 3.37 -26.71 -8.83
C7 KCP E . 3.42 -28.09 -9.58
C7 KCP E . 2.22 -27.78 -8.73
C8 KCP E . 2.94 -28.11 -8.10
C8 KCP E . 2.60 -29.20 -9.28
O9A KCP E . 3.43 -27.33 -7.28
O9A KCP E . 3.44 -29.33 -10.17
O9B KCP E . 2.09 -28.92 -7.74
O9B KCP E . 2.05 -30.21 -8.83
N10 KCP E . 2.25 -28.11 -10.47
N10 KCP E . 1.56 -27.85 -7.40
C11 KCP E . 1.64 -29.28 -10.79
C11 KCP E . 2.09 -28.38 -6.28
O12 KCP E . 2.04 -30.40 -10.38
O12 KCP E . 3.23 -28.88 -6.22
C13 KCP E . 0.41 -29.17 -11.66
C13 KCP E . 1.20 -28.32 -5.06
C14 KCP E . 0.57 -28.95 -13.12
C14 KCP E . 1.80 -28.09 -3.70
C15 KCP E . 0.03 -29.78 -14.08
C15 KCP E . 3.07 -27.56 -3.46
C16 KCP E . 0.28 -29.08 -15.33
C16 KCP E . 3.15 -27.49 -2.01
C17 KCP E . 0.96 -28.00 -15.28
C17 KCP E . 2.13 -27.90 -1.34
S19 KCP E . 1.36 -27.65 -13.70
S19 KCP E . 0.94 -28.44 -2.38
S1 CLS F . -9.02 -15.64 -23.20
C2 CLS F . -8.67 -13.97 -23.77
C3 CLS F . -9.67 -12.96 -23.12
C3' CLS F . -9.97 -11.77 -24.05
O20 CLS F . -8.90 -11.63 -25.03
C21 CLS F . -7.77 -10.87 -24.61
O22 CLS F . -7.91 -9.75 -24.28
C23 CLS F . -6.51 -11.72 -24.66
C4 CLS F . -10.18 -13.08 -21.87
C4' CLS F . -11.13 -12.07 -21.19
O4A CLS F . -10.68 -11.26 -20.34
O4B CLS F . -12.34 -12.12 -21.47
N5 CLS F . -9.88 -14.15 -20.98
C6 CLS F . -8.86 -15.22 -21.44
C7 CLS F . -9.68 -16.23 -20.50
C8 CLS F . -10.59 -15.03 -20.22
O9 CLS F . -11.60 -14.92 -19.58
N10 CLS F . -10.36 -17.20 -21.16
C11 CLS F . -9.80 -18.38 -21.45
O12 CLS F . -8.63 -18.62 -21.11
C13 CLS F . -10.66 -19.24 -22.21
C14 CLS F . -10.28 -20.74 -22.13
C15 CLS F . -8.94 -21.31 -22.13
C16 CLS F . -9.14 -22.75 -22.16
C17 CLS F . -10.36 -23.15 -22.13
S19 CLS F . -11.51 -21.89 -22.07
S1 THN G . 20.64 15.80 11.73
C2 THN G . 22.34 15.72 12.56
C3 THN G . 23.04 17.12 12.55
C3' THN G . 24.42 17.19 12.51
C4 THN G . 22.17 18.43 12.58
C4' THN G . 22.78 19.86 12.49
O4A THN G . 23.05 20.47 13.56
O4B THN G . 23.00 20.36 11.36
N5 THN G . 20.76 18.37 12.67
C6 THN G . 19.94 17.13 12.75
C7 THN G . 18.49 17.53 12.33
C8 THN G . 17.56 16.34 12.58
O9A THN G . 17.29 15.99 13.74
O9B THN G . 17.05 15.75 11.63
N10 THN G . 17.98 18.61 13.15
C11 THN G . 17.85 19.85 12.69
O12 THN G . 18.14 20.17 11.55
C13 THN G . 17.39 20.86 13.70
C14 THN G . 18.44 21.69 14.39
C15 THN G . 19.75 21.28 14.64
C16 THN G . 20.37 22.41 15.30
C17 THN G . 19.63 23.44 15.53
S19 THN G . 18.08 23.17 14.94
#